data_3LWZ
#
_entry.id   3LWZ
#
_cell.length_a   90.587
_cell.length_b   90.587
_cell.length_c   216.500
_cell.angle_alpha   90.00
_cell.angle_beta   90.00
_cell.angle_gamma   120.00
#
_symmetry.space_group_name_H-M   'H 3'
#
loop_
_entity.id
_entity.type
_entity.pdbx_description
1 polymer '3-dehydroquinate dehydratase'
2 non-polymer BETA-MERCAPTOETHANOL
3 non-polymer GLYCEROL
4 non-polymer 1,2-ETHANEDIOL
5 water water
#
_entity_poly.entity_id   1
_entity_poly.type   'polypeptide(L)'
_entity_poly.pdbx_seq_one_letter_code
;SNAMSDKFHILLLNGPNLNLLGTREPEKYGYTTLAEIVSQLEIQAQGMDVALSHLQSNAEHALIDSIHQARGNTDFILIN
PAAFTHTSVALRDALLGVQIPFIEIHLSNVHAREPFRHHSYLSDIAVGVICGLGADGYNFALQAAVNRLSKSN
;
_entity_poly.pdbx_strand_id   A,B,C,D
#
loop_
_chem_comp.id
_chem_comp.type
_chem_comp.name
_chem_comp.formula
BME non-polymer BETA-MERCAPTOETHANOL 'C2 H6 O S'
EDO non-polymer 1,2-ETHANEDIOL 'C2 H6 O2'
GOL non-polymer GLYCEROL 'C3 H8 O3'
#
# COMPACT_ATOMS: atom_id res chain seq x y z
N LYS A 7 -20.16 -7.55 -22.18
CA LYS A 7 -19.15 -6.45 -22.08
C LYS A 7 -18.25 -6.69 -20.86
N PHE A 8 -16.95 -6.43 -20.98
CA PHE A 8 -16.06 -6.60 -19.82
C PHE A 8 -16.16 -5.39 -18.90
N HIS A 9 -16.08 -5.64 -17.59
N HIS A 9 -16.15 -5.65 -17.59
CA HIS A 9 -16.18 -4.60 -16.59
CA HIS A 9 -16.17 -4.57 -16.61
C HIS A 9 -14.88 -4.54 -15.79
C HIS A 9 -14.83 -4.56 -15.89
N ILE A 10 -14.22 -3.39 -15.86
CA ILE A 10 -12.90 -3.19 -15.25
C ILE A 10 -12.96 -2.05 -14.27
N LEU A 11 -12.39 -2.29 -13.09
CA LEU A 11 -12.35 -1.30 -12.04
C LEU A 11 -10.96 -0.76 -11.91
N LEU A 12 -10.83 0.55 -12.02
CA LEU A 12 -9.56 1.26 -11.82
C LEU A 12 -9.54 1.85 -10.42
N LEU A 13 -8.52 1.47 -9.63
CA LEU A 13 -8.35 2.01 -8.30
C LEU A 13 -7.04 2.77 -8.17
N ASN A 14 -7.15 3.98 -7.64
CA ASN A 14 -5.97 4.80 -7.36
C ASN A 14 -5.88 5.08 -5.88
N GLY A 15 -4.72 4.78 -5.30
CA GLY A 15 -4.52 4.97 -3.87
C GLY A 15 -4.13 6.36 -3.41
N PRO A 16 -3.54 6.44 -2.20
CA PRO A 16 -3.34 7.73 -1.57
C PRO A 16 -2.38 8.65 -2.27
N ASN A 17 -2.70 9.93 -2.18
CA ASN A 17 -1.88 11.00 -2.70
C ASN A 17 -1.88 11.20 -4.20
N LEU A 18 -2.49 10.29 -4.97
CA LEU A 18 -2.50 10.37 -6.42
C LEU A 18 -3.37 11.55 -6.91
N ASN A 19 -4.24 12.04 -6.05
CA ASN A 19 -4.99 13.26 -6.33
C ASN A 19 -4.09 14.48 -6.49
N LEU A 20 -2.88 14.43 -5.92
CA LEU A 20 -1.89 15.54 -6.05
C LEU A 20 -1.14 15.58 -7.39
N LEU A 21 -1.33 14.57 -8.24
CA LEU A 21 -0.60 14.50 -9.48
C LEU A 21 -0.65 15.80 -10.28
N GLY A 22 0.52 16.28 -10.68
CA GLY A 22 0.61 17.48 -11.51
C GLY A 22 0.68 18.77 -10.74
N THR A 23 0.68 18.70 -9.41
CA THR A 23 0.70 19.90 -8.55
C THR A 23 2.09 20.20 -7.96
N ARG A 24 2.94 19.19 -7.83
CA ARG A 24 4.24 19.41 -7.23
C ARG A 24 5.32 19.70 -8.29
N GLU A 25 5.82 20.92 -8.29
CA GLU A 25 6.94 21.31 -9.16
C GLU A 25 6.80 20.63 -10.52
N PRO A 26 5.69 20.91 -11.24
CA PRO A 26 5.38 20.22 -12.50
C PRO A 26 6.42 20.39 -13.60
N GLU A 27 7.15 21.50 -13.57
CA GLU A 27 8.20 21.72 -14.54
C GLU A 27 9.30 20.68 -14.33
N LYS A 28 9.37 20.13 -13.12
CA LYS A 28 10.33 19.08 -12.78
C LYS A 28 9.69 17.70 -12.83
N TYR A 29 8.54 17.55 -12.19
CA TYR A 29 7.89 16.24 -12.02
C TYR A 29 6.77 15.88 -13.01
N GLY A 30 6.30 16.84 -13.81
CA GLY A 30 5.25 16.56 -14.79
C GLY A 30 3.96 17.31 -14.53
N TYR A 31 3.23 17.66 -15.59
CA TYR A 31 1.97 18.42 -15.48
C TYR A 31 0.71 17.57 -15.57
N THR A 32 0.85 16.29 -15.92
CA THR A 32 -0.32 15.41 -16.06
C THR A 32 -0.98 15.21 -14.69
N THR A 33 -2.31 15.39 -14.67
CA THR A 33 -3.11 15.27 -13.45
C THR A 33 -3.84 13.95 -13.43
N LEU A 34 -4.33 13.54 -12.26
CA LEU A 34 -5.09 12.28 -12.20
C LEU A 34 -6.35 12.35 -13.05
N ALA A 35 -7.05 13.48 -13.02
CA ALA A 35 -8.26 13.63 -13.82
C ALA A 35 -8.00 13.38 -15.30
N GLU A 36 -6.86 13.86 -15.79
CA GLU A 36 -6.48 13.64 -17.19
C GLU A 36 -6.21 12.19 -17.50
N ILE A 37 -5.52 11.50 -16.60
CA ILE A 37 -5.24 10.07 -16.81
C ILE A 37 -6.55 9.30 -16.87
N VAL A 38 -7.46 9.60 -15.95
CA VAL A 38 -8.71 8.88 -15.86
C VAL A 38 -9.57 9.16 -17.10
N SER A 39 -9.64 10.41 -17.52
N SER A 39 -9.62 10.41 -17.54
CA SER A 39 -10.38 10.77 -18.73
CA SER A 39 -10.41 10.76 -18.74
C SER A 39 -9.78 10.07 -19.96
C SER A 39 -9.99 10.02 -20.01
N GLN A 40 -8.45 9.95 -19.98
N GLN A 40 -8.71 10.06 -20.35
CA GLN A 40 -7.79 9.27 -21.08
CA GLN A 40 -8.23 9.39 -21.56
C GLN A 40 -8.17 7.78 -21.07
C GLN A 40 -8.40 7.88 -21.45
N LEU A 41 -8.21 7.17 -19.89
N LEU A 41 -8.27 7.36 -20.22
CA LEU A 41 -8.49 5.74 -19.83
CA LEU A 41 -8.47 5.93 -19.99
C LEU A 41 -9.98 5.45 -20.11
C LEU A 41 -9.92 5.56 -20.28
N GLU A 42 -10.85 6.40 -19.80
CA GLU A 42 -12.29 6.20 -20.05
C GLU A 42 -12.51 6.19 -21.56
N ILE A 43 -11.88 7.12 -22.26
CA ILE A 43 -11.99 7.18 -23.73
C ILE A 43 -11.44 5.88 -24.36
N GLN A 44 -10.30 5.40 -23.86
CA GLN A 44 -9.73 4.17 -24.34
C GLN A 44 -10.68 2.98 -24.09
N ALA A 45 -11.21 2.86 -22.88
CA ALA A 45 -12.07 1.76 -22.53
C ALA A 45 -13.32 1.76 -23.42
N GLN A 46 -13.88 2.94 -23.65
CA GLN A 46 -15.07 3.06 -24.48
C GLN A 46 -14.77 2.57 -25.89
N GLY A 47 -13.56 2.87 -26.38
CA GLY A 47 -13.12 2.39 -27.69
C GLY A 47 -12.98 0.88 -27.78
N MET A 48 -12.69 0.24 -26.65
CA MET A 48 -12.53 -1.20 -26.58
C MET A 48 -13.81 -1.92 -26.17
N ASP A 49 -14.87 -1.15 -25.90
N ASP A 49 -14.89 -1.13 -26.13
CA ASP A 49 -16.13 -1.73 -25.44
CA ASP A 49 -16.23 -1.59 -25.78
C ASP A 49 -15.96 -2.33 -24.03
C ASP A 49 -16.29 -2.29 -24.43
N VAL A 50 -15.19 -1.65 -23.18
N VAL A 50 -15.51 -1.76 -23.47
CA VAL A 50 -15.02 -2.03 -21.80
CA VAL A 50 -15.48 -2.21 -22.08
C VAL A 50 -15.79 -1.03 -20.98
C VAL A 50 -15.96 -1.09 -21.11
N ALA A 51 -16.50 -1.52 -19.97
CA ALA A 51 -17.13 -0.67 -18.99
C ALA A 51 -16.14 -0.39 -17.85
N LEU A 52 -15.61 0.81 -17.78
CA LEU A 52 -14.60 1.20 -16.77
C LEU A 52 -15.21 1.98 -15.61
N SER A 53 -14.92 1.57 -14.38
CA SER A 53 -15.31 2.29 -13.19
C SER A 53 -14.00 2.73 -12.52
N HIS A 54 -14.07 3.84 -11.78
N HIS A 54 -14.08 3.76 -11.69
CA HIS A 54 -12.88 4.41 -11.09
CA HIS A 54 -12.88 4.28 -11.06
C HIS A 54 -13.18 4.87 -9.69
C HIS A 54 -13.12 4.97 -9.74
N LEU A 55 -12.18 4.76 -8.83
CA LEU A 55 -12.20 5.34 -7.52
C LEU A 55 -10.77 5.68 -7.14
N GLN A 56 -10.56 6.91 -6.69
CA GLN A 56 -9.30 7.28 -6.04
C GLN A 56 -9.66 7.61 -4.60
N SER A 57 -8.84 7.15 -3.67
CA SER A 57 -9.05 7.43 -2.27
C SER A 57 -7.77 7.42 -1.49
N ASN A 58 -7.76 8.24 -0.46
CA ASN A 58 -6.69 8.26 0.51
C ASN A 58 -6.99 7.33 1.66
N ALA A 59 -8.19 6.75 1.65
CA ALA A 59 -8.64 5.85 2.73
C ALA A 59 -8.52 4.40 2.36
N GLU A 60 -7.71 3.67 3.12
CA GLU A 60 -7.57 2.24 2.90
C GLU A 60 -8.93 1.55 2.86
N HIS A 61 -9.81 1.87 3.82
CA HIS A 61 -11.11 1.17 3.90
C HIS A 61 -11.96 1.41 2.67
N ALA A 62 -11.83 2.56 2.04
CA ALA A 62 -12.66 2.87 0.86
C ALA A 62 -12.24 2.01 -0.32
N LEU A 63 -10.94 1.77 -0.45
CA LEU A 63 -10.42 0.92 -1.49
C LEU A 63 -10.86 -0.54 -1.25
N ILE A 64 -10.75 -1.01 -0.01
CA ILE A 64 -11.20 -2.35 0.34
C ILE A 64 -12.70 -2.50 0.05
N ASP A 65 -13.50 -1.52 0.44
CA ASP A 65 -14.93 -1.58 0.17
C ASP A 65 -15.23 -1.66 -1.32
N SER A 66 -14.54 -0.86 -2.13
CA SER A 66 -14.70 -0.91 -3.58
C SER A 66 -14.40 -2.31 -4.13
N ILE A 67 -13.34 -2.93 -3.63
CA ILE A 67 -12.97 -4.27 -4.02
C ILE A 67 -14.05 -5.28 -3.63
N HIS A 68 -14.54 -5.18 -2.41
CA HIS A 68 -15.64 -6.04 -1.97
C HIS A 68 -16.87 -5.86 -2.85
N GLN A 69 -17.20 -4.60 -3.16
CA GLN A 69 -18.37 -4.30 -4.01
C GLN A 69 -18.25 -4.75 -5.46
N ALA A 70 -17.02 -5.00 -5.92
CA ALA A 70 -16.74 -5.48 -7.24
C ALA A 70 -17.05 -6.97 -7.44
N ARG A 71 -17.15 -7.71 -6.36
N ARG A 71 -17.13 -7.74 -6.36
CA ARG A 71 -17.39 -9.15 -6.40
CA ARG A 71 -17.36 -9.18 -6.45
C ARG A 71 -18.68 -9.48 -7.16
C ARG A 71 -18.66 -9.49 -7.16
N GLY A 72 -18.57 -10.33 -8.18
CA GLY A 72 -19.72 -10.72 -9.00
C GLY A 72 -20.03 -9.87 -10.20
N ASN A 73 -19.46 -8.67 -10.30
CA ASN A 73 -19.76 -7.77 -11.41
C ASN A 73 -18.56 -7.21 -12.15
N THR A 74 -17.34 -7.54 -11.70
CA THR A 74 -16.12 -6.95 -12.24
C THR A 74 -15.17 -8.07 -12.67
N ASP A 75 -14.63 -7.93 -13.87
CA ASP A 75 -13.80 -8.95 -14.48
C ASP A 75 -12.31 -8.76 -14.20
N PHE A 76 -11.90 -7.53 -13.91
CA PHE A 76 -10.47 -7.25 -13.73
C PHE A 76 -10.31 -5.95 -12.96
N ILE A 77 -9.22 -5.85 -12.21
CA ILE A 77 -8.88 -4.66 -11.46
C ILE A 77 -7.53 -4.13 -11.89
N LEU A 78 -7.49 -2.83 -12.16
CA LEU A 78 -6.23 -2.12 -12.42
C LEU A 78 -6.04 -1.27 -11.17
N ILE A 79 -4.90 -1.43 -10.49
CA ILE A 79 -4.70 -0.67 -9.28
C ILE A 79 -3.34 -0.04 -9.21
N ASN A 80 -3.34 1.27 -8.95
CA ASN A 80 -2.10 1.98 -8.55
C ASN A 80 -2.27 2.21 -7.06
N PRO A 81 -1.70 1.32 -6.24
CA PRO A 81 -1.91 1.35 -4.80
C PRO A 81 -1.15 2.47 -4.07
N ALA A 82 -0.25 3.12 -4.81
CA ALA A 82 0.65 4.12 -4.26
C ALA A 82 1.30 3.57 -2.97
N ALA A 83 1.35 4.34 -1.91
CA ALA A 83 2.07 3.92 -0.70
C ALA A 83 1.53 2.66 -0.05
N PHE A 84 0.25 2.36 -0.28
CA PHE A 84 -0.31 1.19 0.36
C PHE A 84 0.27 -0.15 -0.12
N THR A 85 0.92 -0.18 -1.27
CA THR A 85 1.54 -1.42 -1.71
C THR A 85 2.58 -1.90 -0.70
N HIS A 86 3.19 -0.99 0.03
CA HIS A 86 4.26 -1.37 0.97
C HIS A 86 3.75 -1.73 2.35
N THR A 87 2.50 -1.40 2.64
CA THR A 87 2.01 -1.46 4.02
C THR A 87 0.73 -2.22 4.26
N SER A 88 -0.10 -2.37 3.24
CA SER A 88 -1.44 -2.89 3.49
C SER A 88 -1.66 -4.37 3.25
N VAL A 89 -1.58 -5.15 4.31
CA VAL A 89 -1.94 -6.56 4.23
C VAL A 89 -3.45 -6.66 4.04
N ALA A 90 -4.20 -5.69 4.57
CA ALA A 90 -5.66 -5.71 4.42
C ALA A 90 -6.09 -5.62 2.94
N LEU A 91 -5.40 -4.78 2.18
N LEU A 91 -5.43 -4.77 2.15
CA LEU A 91 -5.68 -4.65 0.77
CA LEU A 91 -5.74 -4.70 0.70
C LEU A 91 -5.34 -5.94 0.01
C LEU A 91 -5.38 -6.01 0.03
N ARG A 92 -4.21 -6.54 0.34
CA ARG A 92 -3.84 -7.83 -0.22
C ARG A 92 -4.97 -8.83 0.04
N ASP A 93 -5.44 -8.87 1.28
CA ASP A 93 -6.45 -9.86 1.66
C ASP A 93 -7.83 -9.56 1.04
N ALA A 94 -8.10 -8.29 0.75
CA ALA A 94 -9.32 -7.94 0.02
C ALA A 94 -9.26 -8.51 -1.39
N LEU A 95 -8.13 -8.35 -2.06
CA LEU A 95 -7.98 -8.82 -3.42
C LEU A 95 -8.01 -10.36 -3.48
N LEU A 96 -7.35 -10.98 -2.54
CA LEU A 96 -7.35 -12.42 -2.45
C LEU A 96 -8.76 -12.92 -2.14
N GLY A 97 -9.46 -12.22 -1.28
CA GLY A 97 -10.81 -12.63 -0.86
C GLY A 97 -11.85 -12.59 -1.96
N VAL A 98 -11.75 -11.61 -2.86
CA VAL A 98 -12.71 -11.50 -3.95
C VAL A 98 -12.32 -12.26 -5.22
N GLN A 99 -11.04 -12.63 -5.30
N GLN A 99 -11.05 -12.66 -5.32
CA GLN A 99 -10.54 -13.43 -6.41
CA GLN A 99 -10.56 -13.50 -6.44
C GLN A 99 -10.82 -12.83 -7.79
C GLN A 99 -10.54 -12.85 -7.85
N ILE A 100 -10.58 -11.53 -7.92
CA ILE A 100 -10.59 -10.85 -9.21
C ILE A 100 -9.12 -10.57 -9.54
N PRO A 101 -8.67 -10.95 -10.74
CA PRO A 101 -7.27 -10.70 -11.12
C PRO A 101 -6.99 -9.23 -11.22
N PHE A 102 -5.74 -8.84 -10.94
CA PHE A 102 -5.38 -7.44 -11.03
C PHE A 102 -3.97 -7.23 -11.54
N ILE A 103 -3.73 -6.04 -12.07
CA ILE A 103 -2.42 -5.58 -12.46
C ILE A 103 -2.10 -4.38 -11.57
N GLU A 104 -0.88 -4.37 -11.05
CA GLU A 104 -0.35 -3.27 -10.24
C GLU A 104 0.42 -2.29 -11.10
N ILE A 105 0.11 -1.01 -10.94
CA ILE A 105 0.69 0.10 -11.72
C ILE A 105 1.29 1.15 -10.82
N HIS A 106 2.54 1.55 -11.13
CA HIS A 106 3.19 2.70 -10.53
C HIS A 106 3.69 3.62 -11.61
N LEU A 107 3.44 4.93 -11.48
CA LEU A 107 3.89 5.91 -12.44
C LEU A 107 5.44 5.97 -12.51
N SER A 108 6.06 6.04 -11.36
CA SER A 108 7.49 6.17 -11.27
C SER A 108 8.09 4.81 -11.04
N ASN A 109 9.40 4.73 -11.20
CA ASN A 109 10.10 3.48 -10.93
C ASN A 109 10.37 3.40 -9.43
N VAL A 110 9.60 2.59 -8.73
CA VAL A 110 9.67 2.51 -7.28
C VAL A 110 10.90 1.81 -6.78
N HIS A 111 11.61 1.15 -7.66
CA HIS A 111 12.89 0.51 -7.31
C HIS A 111 14.06 1.48 -7.35
N ALA A 112 13.85 2.68 -7.88
CA ALA A 112 14.92 3.70 -7.94
C ALA A 112 14.87 4.66 -6.77
N ARG A 113 14.10 4.33 -5.74
CA ARG A 113 13.91 5.22 -4.62
C ARG A 113 14.41 4.55 -3.35
N GLU A 114 13.80 4.85 -2.20
CA GLU A 114 14.22 4.21 -0.96
C GLU A 114 14.11 2.71 -0.97
N PRO A 115 15.04 2.02 -0.30
CA PRO A 115 14.96 0.59 -0.21
C PRO A 115 13.64 0.07 0.35
N PHE A 116 12.98 0.80 1.26
CA PHE A 116 11.70 0.32 1.79
C PHE A 116 10.63 0.16 0.72
N ARG A 117 10.76 0.89 -0.38
CA ARG A 117 9.76 0.83 -1.47
C ARG A 117 9.88 -0.41 -2.33
N HIS A 118 10.92 -1.22 -2.10
N HIS A 118 10.90 -1.24 -2.06
CA HIS A 118 11.05 -2.49 -2.82
CA HIS A 118 11.08 -2.50 -2.79
C HIS A 118 10.07 -3.55 -2.31
C HIS A 118 10.20 -3.61 -2.23
N HIS A 119 9.61 -3.38 -1.08
CA HIS A 119 8.72 -4.35 -0.43
C HIS A 119 7.28 -4.12 -0.84
N SER A 120 6.57 -5.19 -1.18
CA SER A 120 5.15 -5.07 -1.55
C SER A 120 4.34 -6.22 -1.06
N TYR A 121 3.15 -5.91 -0.56
CA TYR A 121 2.19 -6.90 -0.22
C TYR A 121 1.26 -7.26 -1.39
N LEU A 122 1.46 -6.66 -2.56
CA LEU A 122 0.61 -6.93 -3.74
C LEU A 122 1.30 -7.54 -4.94
N SER A 123 2.58 -7.20 -5.14
N SER A 123 2.57 -7.19 -5.14
CA SER A 123 3.23 -7.61 -6.40
CA SER A 123 3.27 -7.59 -6.35
C SER A 123 3.22 -9.12 -6.62
C SER A 123 3.33 -9.10 -6.61
N ASP A 124 3.38 -9.90 -5.54
CA ASP A 124 3.45 -11.34 -5.69
C ASP A 124 2.14 -12.02 -6.05
N ILE A 125 1.01 -11.34 -5.86
CA ILE A 125 -0.29 -11.95 -6.18
C ILE A 125 -0.97 -11.29 -7.41
N ALA A 126 -0.33 -10.26 -7.94
CA ALA A 126 -0.78 -9.57 -9.13
C ALA A 126 -0.56 -10.46 -10.34
N VAL A 127 -1.38 -10.31 -11.39
CA VAL A 127 -1.04 -10.93 -12.66
C VAL A 127 0.33 -10.42 -13.13
N GLY A 128 0.52 -9.11 -13.01
CA GLY A 128 1.76 -8.46 -13.42
C GLY A 128 1.84 -7.07 -12.83
N VAL A 129 2.96 -6.42 -13.09
CA VAL A 129 3.31 -5.12 -12.56
C VAL A 129 3.94 -4.29 -13.62
N ILE A 130 3.52 -3.02 -13.68
CA ILE A 130 4.13 -2.05 -14.58
C ILE A 130 4.56 -0.86 -13.74
N CYS A 131 5.83 -0.51 -13.83
CA CYS A 131 6.31 0.68 -13.11
C CYS A 131 7.22 1.53 -13.98
N GLY A 132 7.20 2.82 -13.73
CA GLY A 132 8.16 3.74 -14.32
C GLY A 132 7.87 4.28 -15.68
N LEU A 133 6.70 3.94 -16.25
CA LEU A 133 6.35 4.35 -17.59
C LEU A 133 5.34 5.50 -17.62
N GLY A 134 5.12 6.09 -16.46
CA GLY A 134 4.18 7.22 -16.37
C GLY A 134 2.78 6.77 -16.70
N ALA A 135 1.96 7.71 -17.15
CA ALA A 135 0.55 7.42 -17.41
C ALA A 135 0.30 6.34 -18.42
N ASP A 136 1.23 6.13 -19.36
CA ASP A 136 1.14 5.07 -20.34
C ASP A 136 0.95 3.72 -19.66
N GLY A 137 1.50 3.58 -18.45
CA GLY A 137 1.37 2.34 -17.69
C GLY A 137 -0.08 1.93 -17.52
N TYR A 138 -0.98 2.91 -17.32
CA TYR A 138 -2.39 2.60 -17.17
C TYR A 138 -2.98 2.07 -18.49
N ASN A 139 -2.58 2.70 -19.60
CA ASN A 139 -3.02 2.32 -20.94
C ASN A 139 -2.61 0.88 -21.23
N PHE A 140 -1.34 0.57 -20.96
CA PHE A 140 -0.85 -0.77 -21.20
C PHE A 140 -1.55 -1.79 -20.30
N ALA A 141 -1.78 -1.42 -19.04
CA ALA A 141 -2.42 -2.34 -18.11
C ALA A 141 -3.85 -2.68 -18.61
N LEU A 142 -4.54 -1.67 -19.11
CA LEU A 142 -5.90 -1.87 -19.63
C LEU A 142 -5.87 -2.78 -20.86
N GLN A 143 -4.90 -2.55 -21.76
CA GLN A 143 -4.72 -3.42 -22.94
C GLN A 143 -4.45 -4.86 -22.50
N ALA A 144 -3.55 -5.03 -21.53
CA ALA A 144 -3.27 -6.37 -21.05
C ALA A 144 -4.48 -7.06 -20.48
N ALA A 145 -5.28 -6.32 -19.70
CA ALA A 145 -6.46 -6.90 -19.07
C ALA A 145 -7.44 -7.38 -20.16
N VAL A 146 -7.72 -6.51 -21.11
CA VAL A 146 -8.64 -6.87 -22.22
C VAL A 146 -8.10 -8.04 -23.04
N ASN A 147 -6.81 -8.03 -23.32
CA ASN A 147 -6.20 -9.15 -24.03
C ASN A 147 -6.40 -10.47 -23.29
N ARG A 148 -6.18 -10.47 -21.98
N ARG A 148 -6.22 -10.48 -21.96
CA ARG A 148 -6.35 -11.66 -21.18
CA ARG A 148 -6.36 -11.70 -21.14
C ARG A 148 -7.81 -12.12 -21.23
C ARG A 148 -7.81 -12.17 -21.02
N LEU A 149 -8.73 -11.21 -20.92
CA LEU A 149 -10.14 -11.53 -20.84
C LEU A 149 -10.67 -12.07 -22.17
N SER A 150 -10.09 -11.58 -23.25
CA SER A 150 -10.48 -12.00 -24.61
C SER A 150 -10.01 -13.40 -24.99
N LYS A 151 -9.01 -13.94 -24.29
CA LYS A 151 -8.55 -15.32 -24.58
C LYS A 151 -9.63 -16.33 -24.18
N SER A 152 -10.01 -16.31 -22.90
CA SER A 152 -11.06 -17.19 -22.37
C SER A 152 -12.44 -16.57 -22.54
N LYS B 7 1.05 37.26 8.10
CA LYS B 7 0.63 36.42 9.28
C LYS B 7 0.84 34.93 8.96
N PHE B 8 1.74 34.29 9.71
CA PHE B 8 2.05 32.87 9.46
C PHE B 8 0.88 31.98 9.86
N HIS B 9 0.68 30.91 9.08
CA HIS B 9 -0.34 29.93 9.39
C HIS B 9 0.35 28.60 9.59
N ILE B 10 0.10 28.04 10.74
CA ILE B 10 0.68 26.77 11.16
C ILE B 10 -0.43 25.78 11.46
N LEU B 11 -0.23 24.55 10.97
CA LEU B 11 -1.18 23.46 11.19
C LEU B 11 -0.58 22.47 12.16
N LEU B 12 -1.30 22.22 13.23
CA LEU B 12 -0.97 21.22 14.24
C LEU B 12 -1.81 19.98 13.99
N LEU B 13 -1.12 18.85 13.77
CA LEU B 13 -1.79 17.57 13.58
C LEU B 13 -1.40 16.62 14.68
N ASN B 14 -2.42 15.97 15.25
CA ASN B 14 -2.27 14.95 16.27
C ASN B 14 -2.87 13.65 15.78
N GLY B 15 -2.06 12.59 15.85
CA GLY B 15 -2.42 11.26 15.38
C GLY B 15 -3.26 10.42 16.32
N PRO B 16 -3.30 9.12 16.06
CA PRO B 16 -4.20 8.22 16.78
C PRO B 16 -3.93 8.10 18.27
N ASN B 17 -5.00 7.92 19.03
CA ASN B 17 -4.98 7.73 20.47
C ASN B 17 -4.59 8.92 21.35
N LEU B 18 -4.19 10.04 20.76
CA LEU B 18 -3.76 11.18 21.53
C LEU B 18 -4.97 11.85 22.21
N ASN B 19 -6.17 11.54 21.73
CA ASN B 19 -7.42 11.96 22.41
C ASN B 19 -7.53 11.37 23.83
N LEU B 20 -6.81 10.29 24.09
CA LEU B 20 -6.83 9.66 25.42
C LEU B 20 -5.90 10.34 26.44
N LEU B 21 -5.11 11.32 26.03
CA LEU B 21 -4.15 11.95 26.94
C LEU B 21 -4.81 12.44 28.22
N GLY B 22 -4.24 12.04 29.35
CA GLY B 22 -4.72 12.49 30.65
C GLY B 22 -5.82 11.65 31.26
N THR B 23 -6.24 10.60 30.53
CA THR B 23 -7.32 9.71 30.99
C THR B 23 -6.82 8.38 31.58
N ARG B 24 -5.62 7.95 31.22
CA ARG B 24 -5.06 6.71 31.78
C ARG B 24 -4.17 6.99 33.00
N GLU B 25 -4.53 6.38 34.14
CA GLU B 25 -3.77 6.53 35.40
C GLU B 25 -3.03 7.86 35.51
N PRO B 26 -3.78 8.98 35.57
CA PRO B 26 -3.16 10.31 35.60
C PRO B 26 -2.25 10.57 36.81
N GLU B 27 -2.53 9.92 37.93
CA GLU B 27 -1.69 10.07 39.11
C GLU B 27 -0.28 9.54 38.78
N LYS B 28 -0.21 8.64 37.80
CA LYS B 28 1.05 8.08 37.31
C LYS B 28 1.56 8.75 36.01
N TYR B 29 0.71 8.77 34.98
CA TYR B 29 1.10 9.28 33.66
C TYR B 29 0.89 10.78 33.41
N GLY B 30 0.21 11.46 34.32
CA GLY B 30 -0.04 12.90 34.20
C GLY B 30 -1.49 13.24 33.85
N TYR B 31 -1.87 14.49 34.13
CA TYR B 31 -3.24 14.95 33.93
C TYR B 31 -3.48 15.79 32.67
N THR B 32 -2.40 16.27 32.04
CA THR B 32 -2.51 17.13 30.87
C THR B 32 -3.30 16.43 29.77
N THR B 33 -4.33 17.09 29.26
CA THR B 33 -5.18 16.53 28.21
C THR B 33 -4.84 17.15 26.89
N LEU B 34 -5.30 16.53 25.80
CA LEU B 34 -5.00 17.06 24.49
C LEU B 34 -5.62 18.45 24.32
N ALA B 35 -6.87 18.59 24.75
CA ALA B 35 -7.55 19.89 24.63
C ALA B 35 -6.80 21.00 25.38
N GLU B 36 -6.22 20.68 26.53
CA GLU B 36 -5.43 21.63 27.28
C GLU B 36 -4.19 22.00 26.53
N ILE B 37 -3.48 21.01 25.97
CA ILE B 37 -2.31 21.31 25.21
C ILE B 37 -2.63 22.22 24.02
N VAL B 38 -3.68 21.88 23.27
CA VAL B 38 -4.06 22.63 22.09
C VAL B 38 -4.47 24.06 22.47
N SER B 39 -5.24 24.17 23.54
CA SER B 39 -5.72 25.50 23.95
C SER B 39 -4.56 26.39 24.37
N GLN B 40 -3.61 25.81 25.13
N GLN B 40 -3.48 25.80 24.92
CA GLN B 40 -2.43 26.53 25.58
CA GLN B 40 -2.27 26.56 25.23
C GLN B 40 -1.61 26.98 24.36
C GLN B 40 -1.51 26.99 23.96
N LEU B 41 -1.48 26.09 23.37
N LEU B 41 -1.26 26.05 23.05
CA LEU B 41 -0.67 26.38 22.18
CA LEU B 41 -0.54 26.39 21.84
C LEU B 41 -1.28 27.50 21.35
C LEU B 41 -1.28 27.50 21.13
N GLU B 42 -2.61 27.48 21.20
CA GLU B 42 -3.38 28.52 20.55
C GLU B 42 -3.05 29.89 21.16
N ILE B 43 -3.00 29.94 22.48
CA ILE B 43 -2.68 31.22 23.18
C ILE B 43 -1.27 31.63 22.87
N GLN B 44 -0.35 30.68 22.88
N GLN B 44 -0.34 30.68 22.89
CA GLN B 44 1.04 30.97 22.55
CA GLN B 44 1.04 30.97 22.57
C GLN B 44 1.14 31.50 21.13
C GLN B 44 1.16 31.48 21.13
N ALA B 45 0.44 30.83 20.20
CA ALA B 45 0.44 31.23 18.79
C ALA B 45 -0.06 32.68 18.62
N GLN B 46 -1.13 33.02 19.31
CA GLN B 46 -1.69 34.39 19.25
C GLN B 46 -0.63 35.42 19.64
N GLY B 47 0.17 35.11 20.66
CA GLY B 47 1.25 36.01 21.09
C GLY B 47 2.39 36.15 20.07
N MET B 48 2.48 35.21 19.13
CA MET B 48 3.54 35.21 18.12
C MET B 48 3.02 35.65 16.74
N ASP B 49 1.80 36.17 16.68
CA ASP B 49 1.18 36.57 15.40
C ASP B 49 1.05 35.41 14.43
N VAL B 50 0.80 34.22 14.97
CA VAL B 50 0.58 33.01 14.19
C VAL B 50 -0.86 32.57 14.28
N ALA B 51 -1.43 32.19 13.13
CA ALA B 51 -2.73 31.56 13.09
C ALA B 51 -2.47 30.06 13.19
N LEU B 52 -3.03 29.43 14.21
CA LEU B 52 -2.84 27.99 14.45
C LEU B 52 -4.14 27.24 14.20
N SER B 53 -4.09 26.27 13.30
CA SER B 53 -5.21 25.36 13.02
C SER B 53 -4.81 24.01 13.62
N HIS B 54 -5.81 23.22 14.01
CA HIS B 54 -5.56 21.92 14.63
C HIS B 54 -6.53 20.86 14.19
N LEU B 55 -6.03 19.62 14.10
CA LEU B 55 -6.84 18.46 13.89
C LEU B 55 -6.20 17.28 14.60
N GLN B 56 -6.99 16.57 15.39
CA GLN B 56 -6.57 15.26 15.92
C GLN B 56 -7.48 14.24 15.27
N SER B 57 -6.91 13.10 14.86
CA SER B 57 -7.71 12.05 14.26
C SER B 57 -7.07 10.70 14.43
N ASN B 58 -7.92 9.70 14.58
CA ASN B 58 -7.50 8.30 14.59
C ASN B 58 -7.49 7.73 13.17
N ALA B 59 -7.95 8.52 12.21
CA ALA B 59 -8.00 8.09 10.82
C ALA B 59 -6.83 8.61 9.98
N GLU B 60 -6.05 7.68 9.43
CA GLU B 60 -4.95 8.05 8.55
C GLU B 60 -5.40 9.00 7.43
N HIS B 61 -6.54 8.70 6.78
CA HIS B 61 -7.00 9.47 5.64
C HIS B 61 -7.35 10.91 6.02
N ALA B 62 -7.82 11.10 7.24
CA ALA B 62 -8.21 12.44 7.69
C ALA B 62 -6.97 13.33 7.86
N LEU B 63 -5.89 12.74 8.34
CA LEU B 63 -4.63 13.46 8.47
C LEU B 63 -4.07 13.79 7.08
N ILE B 64 -4.08 12.81 6.18
CA ILE B 64 -3.64 12.99 4.80
C ILE B 64 -4.49 14.11 4.15
N ASP B 65 -5.81 14.06 4.32
CA ASP B 65 -6.68 15.09 3.71
C ASP B 65 -6.33 16.49 4.24
N SER B 66 -6.09 16.60 5.53
CA SER B 66 -5.73 17.88 6.15
C SER B 66 -4.44 18.44 5.57
N ILE B 67 -3.46 17.57 5.37
CA ILE B 67 -2.22 17.95 4.76
C ILE B 67 -2.42 18.45 3.33
N HIS B 68 -3.22 17.72 2.55
CA HIS B 68 -3.51 18.12 1.19
C HIS B 68 -4.19 19.48 1.18
N GLN B 69 -5.11 19.67 2.11
CA GLN B 69 -5.88 20.93 2.19
C GLN B 69 -5.04 22.13 2.65
N ALA B 70 -3.88 21.87 3.26
CA ALA B 70 -2.96 22.89 3.69
C ALA B 70 -2.20 23.51 2.55
N ARG B 71 -2.10 22.83 1.42
N ARG B 71 -2.11 22.83 1.40
CA ARG B 71 -1.36 23.32 0.25
CA ARG B 71 -1.41 23.37 0.23
C ARG B 71 -1.77 24.74 -0.14
C ARG B 71 -1.80 24.79 -0.06
N GLY B 72 -0.81 25.65 -0.21
CA GLY B 72 -1.04 27.03 -0.61
C GLY B 72 -1.50 28.00 0.46
N ASN B 73 -1.82 27.51 1.65
CA ASN B 73 -2.30 28.38 2.73
C ASN B 73 -1.62 28.16 4.09
N THR B 74 -0.69 27.20 4.16
CA THR B 74 -0.05 26.82 5.43
C THR B 74 1.45 26.89 5.27
N ASP B 75 2.11 27.56 6.23
CA ASP B 75 3.54 27.79 6.18
C ASP B 75 4.37 26.69 6.81
N PHE B 76 3.77 25.96 7.74
CA PHE B 76 4.51 24.97 8.51
C PHE B 76 3.55 24.02 9.17
N ILE B 77 3.99 22.77 9.35
CA ILE B 77 3.18 21.74 10.02
C ILE B 77 3.92 21.23 11.26
N LEU B 78 3.20 21.14 12.37
CA LEU B 78 3.73 20.53 13.58
C LEU B 78 2.91 19.25 13.71
N ILE B 79 3.57 18.11 13.76
CA ILE B 79 2.82 16.89 13.84
C ILE B 79 3.33 15.92 14.90
N ASN B 80 2.38 15.46 15.71
CA ASN B 80 2.63 14.34 16.62
C ASN B 80 1.88 13.19 15.97
N PRO B 81 2.60 12.36 15.21
CA PRO B 81 1.97 11.32 14.41
C PRO B 81 1.57 10.09 15.22
N ALA B 82 2.01 10.02 16.46
CA ALA B 82 1.77 8.87 17.34
C ALA B 82 2.16 7.59 16.60
N ALA B 83 1.36 6.55 16.68
CA ALA B 83 1.75 5.26 16.09
C ALA B 83 1.99 5.30 14.58
N PHE B 84 1.34 6.23 13.86
CA PHE B 84 1.54 6.27 12.40
C PHE B 84 2.96 6.60 11.96
N THR B 85 3.81 7.09 12.86
CA THR B 85 5.15 7.41 12.41
C THR B 85 5.88 6.11 12.03
N HIS B 86 5.48 5.04 12.65
CA HIS B 86 6.16 3.75 12.41
C HIS B 86 5.62 2.97 11.21
N THR B 87 4.44 3.34 10.74
CA THR B 87 3.69 2.53 9.79
C THR B 87 3.24 3.20 8.51
N SER B 88 3.06 4.52 8.52
CA SER B 88 2.40 5.19 7.38
C SER B 88 3.29 5.78 6.31
N VAL B 89 3.53 5.00 5.25
CA VAL B 89 4.22 5.53 4.09
C VAL B 89 3.30 6.57 3.42
N ALA B 90 1.99 6.35 3.54
CA ALA B 90 1.04 7.29 2.91
C ALA B 90 1.14 8.69 3.50
N LEU B 91 1.38 8.76 4.81
N LEU B 91 1.33 8.80 4.82
CA LEU B 91 1.51 10.02 5.50
CA LEU B 91 1.49 10.12 5.42
C LEU B 91 2.79 10.70 5.07
C LEU B 91 2.81 10.72 4.97
N ARG B 92 3.87 9.91 4.95
CA ARG B 92 5.15 10.43 4.46
C ARG B 92 4.97 11.05 3.07
N ASP B 93 4.27 10.34 2.19
CA ASP B 93 4.09 10.79 0.83
C ASP B 93 3.17 12.01 0.72
N ALA B 94 2.22 12.15 1.66
CA ALA B 94 1.37 13.36 1.70
C ALA B 94 2.25 14.57 2.00
N LEU B 95 3.12 14.44 2.99
CA LEU B 95 3.99 15.53 3.40
C LEU B 95 4.98 15.86 2.29
N LEU B 96 5.59 14.85 1.69
CA LEU B 96 6.47 15.09 0.57
C LEU B 96 5.73 15.73 -0.59
N GLY B 97 4.51 15.27 -0.86
CA GLY B 97 3.75 15.78 -1.97
C GLY B 97 3.37 17.24 -1.87
N VAL B 98 3.10 17.72 -0.66
CA VAL B 98 2.68 19.14 -0.48
C VAL B 98 3.83 20.10 -0.21
N GLN B 99 4.98 19.54 0.15
N GLN B 99 5.01 19.56 0.12
CA GLN B 99 6.19 20.30 0.36
CA GLN B 99 6.21 20.38 0.30
C GLN B 99 6.04 21.47 1.35
C GLN B 99 6.19 21.42 1.43
N ILE B 100 5.39 21.19 2.47
CA ILE B 100 5.32 22.10 3.60
C ILE B 100 6.26 21.53 4.67
N PRO B 101 7.20 22.33 5.17
CA PRO B 101 8.11 21.78 6.15
C PRO B 101 7.41 21.42 7.44
N PHE B 102 7.93 20.42 8.13
CA PHE B 102 7.33 20.00 9.37
C PHE B 102 8.30 19.57 10.43
N ILE B 103 7.82 19.65 11.67
CA ILE B 103 8.55 19.14 12.82
C ILE B 103 7.73 18.02 13.43
N GLU B 104 8.41 16.93 13.74
CA GLU B 104 7.80 15.76 14.40
C GLU B 104 7.95 15.85 15.90
N ILE B 105 6.84 15.66 16.63
CA ILE B 105 6.79 15.73 18.08
C ILE B 105 6.21 14.48 18.69
N HIS B 106 6.91 13.97 19.70
CA HIS B 106 6.43 12.89 20.53
C HIS B 106 6.51 13.32 22.01
N LEU B 107 5.48 13.02 22.77
CA LEU B 107 5.44 13.41 24.17
C LEU B 107 6.44 12.61 24.99
N SER B 108 6.48 11.32 24.75
CA SER B 108 7.37 10.43 25.47
C SER B 108 8.61 10.12 24.63
N ASN B 109 9.60 9.52 25.28
CA ASN B 109 10.80 9.14 24.61
C ASN B 109 10.53 7.80 23.92
N VAL B 110 10.28 7.85 22.61
N VAL B 110 10.31 7.89 22.61
CA VAL B 110 9.94 6.64 21.88
CA VAL B 110 10.01 6.75 21.76
C VAL B 110 11.14 5.74 21.56
C VAL B 110 11.10 5.71 21.77
N HIS B 111 12.34 6.16 21.96
CA HIS B 111 13.52 5.30 21.90
C HIS B 111 13.73 4.47 23.15
N ALA B 112 12.96 4.78 24.19
CA ALA B 112 13.05 4.08 25.47
C ALA B 112 12.02 2.99 25.56
N ARG B 113 11.37 2.68 24.43
CA ARG B 113 10.30 1.68 24.45
C ARG B 113 10.68 0.47 23.58
N GLU B 114 9.71 -0.16 22.91
CA GLU B 114 10.04 -1.32 22.08
C GLU B 114 10.92 -0.95 20.92
N PRO B 115 11.80 -1.88 20.49
CA PRO B 115 12.64 -1.57 19.35
C PRO B 115 11.87 -1.23 18.09
N PHE B 116 10.68 -1.78 17.87
CA PHE B 116 9.93 -1.42 16.67
C PHE B 116 9.65 0.08 16.59
N ARG B 117 9.62 0.76 17.73
CA ARG B 117 9.32 2.20 17.76
C ARG B 117 10.48 3.06 17.31
N HIS B 118 11.65 2.46 17.09
N HIS B 118 11.63 2.45 17.05
CA HIS B 118 12.79 3.20 16.59
CA HIS B 118 12.79 3.19 16.58
C HIS B 118 12.65 3.54 15.10
C HIS B 118 12.69 3.50 15.09
N HIS B 119 11.85 2.76 14.37
CA HIS B 119 11.65 2.96 12.93
C HIS B 119 10.62 4.05 12.66
N SER B 120 10.92 4.94 11.74
CA SER B 120 9.98 5.99 11.37
C SER B 120 10.00 6.26 9.89
N TYR B 121 8.83 6.50 9.35
CA TYR B 121 8.68 6.94 7.96
C TYR B 121 8.64 8.46 7.84
N LEU B 122 8.77 9.19 8.96
CA LEU B 122 8.74 10.64 8.93
C LEU B 122 9.98 11.35 9.41
N SER B 123 10.72 10.76 10.34
N SER B 123 10.69 10.76 10.36
CA SER B 123 11.83 11.51 10.97
CA SER B 123 11.82 11.43 11.00
C SER B 123 12.89 11.98 9.97
C SER B 123 12.96 11.86 10.08
N ASP B 124 13.15 11.18 8.95
CA ASP B 124 14.21 11.53 8.01
C ASP B 124 13.88 12.68 7.07
N ILE B 125 12.58 12.99 6.92
CA ILE B 125 12.13 14.06 6.06
C ILE B 125 11.62 15.31 6.83
N ALA B 126 11.60 15.20 8.15
CA ALA B 126 11.23 16.32 9.02
C ALA B 126 12.34 17.34 9.05
N VAL B 127 12.03 18.58 9.34
CA VAL B 127 13.05 19.58 9.64
C VAL B 127 13.81 19.10 10.87
N GLY B 128 13.05 18.67 11.88
CA GLY B 128 13.62 18.16 13.13
C GLY B 128 12.61 17.35 13.90
N VAL B 129 13.05 16.81 15.04
CA VAL B 129 12.26 15.96 15.86
C VAL B 129 12.47 16.35 17.30
N ILE B 130 11.39 16.34 18.08
CA ILE B 130 11.47 16.55 19.53
C ILE B 130 10.71 15.41 20.20
N CYS B 131 11.35 14.70 21.11
CA CYS B 131 10.67 13.64 21.85
C CYS B 131 11.03 13.66 23.32
N GLY B 132 10.12 13.14 24.13
CA GLY B 132 10.33 12.94 25.55
C GLY B 132 10.18 14.13 26.46
N LEU B 133 9.80 15.28 25.92
CA LEU B 133 9.71 16.49 26.71
C LEU B 133 8.29 16.86 27.08
N GLY B 134 7.37 15.93 26.92
CA GLY B 134 5.97 16.16 27.20
C GLY B 134 5.39 17.28 26.38
N ALA B 135 4.37 17.94 26.93
CA ALA B 135 3.70 19.05 26.24
C ALA B 135 4.60 20.20 25.80
N ASP B 136 5.66 20.50 26.56
CA ASP B 136 6.59 21.55 26.18
C ASP B 136 7.10 21.34 24.76
N GLY B 137 7.21 20.08 24.34
CA GLY B 137 7.71 19.77 23.00
C GLY B 137 6.92 20.50 21.91
N TYR B 138 5.60 20.63 22.13
CA TYR B 138 4.79 21.36 21.17
C TYR B 138 5.13 22.85 21.17
N ASN B 139 5.35 23.39 22.38
CA ASN B 139 5.73 24.81 22.56
C ASN B 139 7.05 25.08 21.85
N PHE B 140 8.03 24.21 22.06
CA PHE B 140 9.32 24.36 21.43
C PHE B 140 9.23 24.23 19.91
N ALA B 141 8.45 23.28 19.43
CA ALA B 141 8.27 23.10 17.98
C ALA B 141 7.65 24.36 17.34
N LEU B 142 6.64 24.91 18.01
CA LEU B 142 6.00 26.15 17.53
C LEU B 142 7.01 27.31 17.47
N GLN B 143 7.80 27.48 18.53
CA GLN B 143 8.85 28.51 18.56
C GLN B 143 9.87 28.29 17.43
N ALA B 144 10.31 27.04 17.27
CA ALA B 144 11.23 26.71 16.20
C ALA B 144 10.68 27.07 14.84
N ALA B 145 9.41 26.73 14.61
CA ALA B 145 8.77 27.00 13.35
C ALA B 145 8.74 28.51 13.06
N VAL B 146 8.33 29.28 14.05
CA VAL B 146 8.24 30.75 13.89
C VAL B 146 9.63 31.35 13.67
N ASN B 147 10.60 30.87 14.43
CA ASN B 147 11.97 31.34 14.27
C ASN B 147 12.47 31.12 12.85
N ARG B 148 12.13 29.96 12.28
N ARG B 148 12.16 29.95 12.28
CA ARG B 148 12.56 29.62 10.92
CA ARG B 148 12.56 29.63 10.92
C ARG B 148 11.85 30.43 9.84
C ARG B 148 11.87 30.51 9.90
N LEU B 149 10.55 30.66 10.04
CA LEU B 149 9.76 31.43 9.09
C LEU B 149 10.10 32.91 9.13
N SER B 150 10.54 33.39 10.29
CA SER B 150 10.87 34.81 10.48
C SER B 150 12.18 35.25 9.83
N LYS B 151 13.05 34.30 9.48
CA LYS B 151 14.33 34.63 8.85
C LYS B 151 14.19 35.12 7.41
N MET C 4 -24.14 1.48 36.52
CA MET C 4 -23.11 0.40 36.38
C MET C 4 -23.67 -0.91 36.93
N SER C 5 -23.81 -1.89 36.05
CA SER C 5 -24.42 -3.16 36.44
C SER C 5 -23.42 -4.23 36.86
N ASP C 6 -23.97 -5.35 37.31
CA ASP C 6 -23.16 -6.46 37.78
C ASP C 6 -22.95 -7.46 36.64
N LYS C 7 -23.71 -7.29 35.56
CA LYS C 7 -23.62 -8.18 34.42
C LYS C 7 -22.37 -7.79 33.60
N PHE C 8 -21.57 -8.78 33.21
CA PHE C 8 -20.39 -8.49 32.40
C PHE C 8 -20.81 -8.05 31.02
N HIS C 9 -19.99 -7.17 30.43
CA HIS C 9 -20.20 -6.72 29.05
C HIS C 9 -18.91 -6.97 28.27
N ILE C 10 -19.07 -7.73 27.20
CA ILE C 10 -17.95 -8.12 26.33
C ILE C 10 -18.13 -7.51 24.94
N LEU C 11 -17.04 -6.94 24.40
CA LEU C 11 -17.07 -6.34 23.08
C LEU C 11 -16.32 -7.26 22.12
N LEU C 12 -17.01 -7.66 21.06
CA LEU C 12 -16.44 -8.48 19.96
C LEU C 12 -16.12 -7.57 18.78
N LEU C 13 -14.85 -7.57 18.37
CA LEU C 13 -14.38 -6.78 17.24
C LEU C 13 -13.86 -7.68 16.15
N ASN C 14 -14.31 -7.43 14.93
CA ASN C 14 -13.85 -8.17 13.76
C ASN C 14 -13.27 -7.18 12.76
N GLY C 15 -12.04 -7.48 12.34
CA GLY C 15 -11.31 -6.62 11.43
C GLY C 15 -11.64 -6.76 9.97
N PRO C 16 -10.76 -6.25 9.11
CA PRO C 16 -11.03 -6.19 7.67
C PRO C 16 -11.21 -7.52 6.98
N ASN C 17 -12.08 -7.49 5.96
CA ASN C 17 -12.37 -8.61 5.09
C ASN C 17 -13.17 -9.74 5.69
N LEU C 18 -13.41 -9.70 7.01
CA LEU C 18 -14.15 -10.79 7.67
C LEU C 18 -15.62 -10.78 7.20
N ASN C 19 -16.10 -9.64 6.69
CA ASN C 19 -17.45 -9.62 6.10
C ASN C 19 -17.60 -10.56 4.90
N LEU C 20 -16.48 -10.97 4.30
CA LEU C 20 -16.50 -11.86 3.15
C LEU C 20 -16.72 -13.33 3.50
N LEU C 21 -16.66 -13.67 4.77
CA LEU C 21 -16.76 -15.06 5.19
C LEU C 21 -17.94 -15.75 4.53
N GLY C 22 -17.66 -16.90 3.94
CA GLY C 22 -18.68 -17.73 3.32
C GLY C 22 -18.95 -17.42 1.87
N THR C 23 -18.23 -16.45 1.30
CA THR C 23 -18.44 -16.08 -0.11
C THR C 23 -17.37 -16.62 -1.05
N ARG C 24 -16.17 -16.90 -0.54
CA ARG C 24 -15.08 -17.38 -1.38
C ARG C 24 -15.05 -18.91 -1.48
N GLU C 25 -15.22 -19.40 -2.72
CA GLU C 25 -15.26 -20.86 -3.02
C GLU C 25 -15.92 -21.66 -1.90
N PRO C 26 -17.22 -21.41 -1.65
CA PRO C 26 -17.99 -22.05 -0.58
C PRO C 26 -17.82 -23.57 -0.46
N GLU C 27 -17.84 -24.27 -1.60
CA GLU C 27 -17.71 -25.72 -1.63
C GLU C 27 -16.39 -26.22 -1.05
N LYS C 28 -15.34 -25.40 -1.15
CA LYS C 28 -14.00 -25.79 -0.68
C LYS C 28 -13.53 -25.04 0.59
N TYR C 29 -14.25 -24.00 1.00
CA TYR C 29 -13.90 -23.23 2.21
C TYR C 29 -15.03 -23.15 3.25
N GLY C 30 -16.27 -23.50 2.87
CA GLY C 30 -17.40 -23.45 3.80
C GLY C 30 -18.35 -22.31 3.51
N TYR C 31 -19.60 -22.44 3.96
CA TYR C 31 -20.65 -21.46 3.72
C TYR C 31 -20.98 -20.57 4.94
N THR C 32 -20.29 -20.78 6.06
CA THR C 32 -20.57 -20.02 7.29
C THR C 32 -20.23 -18.54 7.12
N THR C 33 -21.20 -17.67 7.42
CA THR C 33 -21.01 -16.23 7.31
C THR C 33 -20.68 -15.58 8.65
N LEU C 34 -20.16 -14.35 8.59
CA LEU C 34 -19.87 -13.63 9.82
C LEU C 34 -21.17 -13.40 10.61
N ALA C 35 -22.25 -13.10 9.90
CA ALA C 35 -23.53 -12.84 10.55
C ALA C 35 -23.94 -14.06 11.39
N GLU C 36 -23.74 -15.24 10.83
CA GLU C 36 -24.08 -16.50 11.52
C GLU C 36 -23.20 -16.71 12.76
N ILE C 37 -21.91 -16.38 12.65
CA ILE C 37 -21.02 -16.54 13.78
C ILE C 37 -21.42 -15.61 14.94
N VAL C 38 -21.71 -14.35 14.61
CA VAL C 38 -22.06 -13.36 15.60
C VAL C 38 -23.38 -13.72 16.27
N SER C 39 -24.35 -14.16 15.47
CA SER C 39 -25.67 -14.49 16.04
C SER C 39 -25.55 -15.69 17.00
N GLN C 40 -24.71 -16.66 16.64
N GLN C 40 -24.73 -16.67 16.66
CA GLN C 40 -24.45 -17.80 17.53
CA GLN C 40 -24.56 -17.82 17.56
C GLN C 40 -23.80 -17.34 18.83
C GLN C 40 -23.79 -17.42 18.83
N LEU C 41 -22.85 -16.39 18.74
N LEU C 41 -22.91 -16.42 18.71
CA LEU C 41 -22.13 -15.89 19.92
CA LEU C 41 -22.18 -15.92 19.88
C LEU C 41 -23.08 -15.09 20.81
C LEU C 41 -23.11 -15.15 20.80
N GLU C 42 -24.04 -14.40 20.21
CA GLU C 42 -25.01 -13.63 20.99
C GLU C 42 -25.89 -14.57 21.80
N ILE C 43 -26.26 -15.71 21.21
CA ILE C 43 -27.05 -16.72 21.91
C ILE C 43 -26.24 -17.32 23.07
N GLN C 44 -24.97 -17.63 22.82
CA GLN C 44 -24.10 -18.17 23.85
C GLN C 44 -23.94 -17.18 25.01
N ALA C 45 -23.72 -15.91 24.68
CA ALA C 45 -23.59 -14.89 25.69
C ALA C 45 -24.87 -14.77 26.53
N GLN C 46 -26.02 -14.74 25.86
N GLN C 46 -26.02 -14.77 25.88
CA GLN C 46 -27.30 -14.69 26.58
CA GLN C 46 -27.31 -14.67 26.59
C GLN C 46 -27.34 -15.83 27.58
C GLN C 46 -27.50 -15.87 27.53
N GLY C 47 -27.00 -17.03 27.13
CA GLY C 47 -27.01 -18.24 27.96
C GLY C 47 -26.12 -18.11 29.19
N MET C 48 -25.04 -17.32 29.08
CA MET C 48 -24.08 -17.06 30.17
C MET C 48 -24.46 -15.81 30.97
N ASP C 49 -25.59 -15.19 30.64
N ASP C 49 -25.53 -15.15 30.52
CA ASP C 49 -26.05 -13.97 31.30
CA ASP C 49 -26.02 -13.89 31.05
C ASP C 49 -24.96 -12.89 31.26
C ASP C 49 -24.97 -12.79 30.91
N VAL C 50 -24.44 -12.68 30.04
N VAL C 50 -24.29 -12.74 29.77
CA VAL C 50 -23.45 -11.64 29.74
CA VAL C 50 -23.32 -11.70 29.54
C VAL C 50 -23.91 -10.86 28.50
C VAL C 50 -23.83 -10.86 28.39
N ALA C 51 -23.67 -9.55 28.52
CA ALA C 51 -24.01 -8.66 27.41
C ALA C 51 -22.84 -8.71 26.43
N LEU C 52 -23.16 -8.73 25.14
CA LEU C 52 -22.16 -8.78 24.06
C LEU C 52 -22.48 -7.73 23.00
N SER C 53 -21.52 -6.85 22.72
CA SER C 53 -21.61 -5.89 21.63
C SER C 53 -20.68 -6.36 20.50
N HIS C 54 -21.00 -6.04 19.26
CA HIS C 54 -20.15 -6.42 18.10
C HIS C 54 -19.97 -5.29 17.10
N LEU C 55 -18.78 -5.22 16.52
CA LEU C 55 -18.53 -4.34 15.40
C LEU C 55 -17.55 -5.05 14.47
N GLN C 56 -17.88 -5.07 13.17
CA GLN C 56 -16.93 -5.50 12.14
C GLN C 56 -16.69 -4.27 11.29
N SER C 57 -15.44 -4.03 10.93
CA SER C 57 -15.10 -2.91 10.09
C SER C 57 -13.84 -3.15 9.31
N ASN C 58 -13.80 -2.58 8.11
CA ASN C 58 -12.60 -2.58 7.29
C ASN C 58 -11.75 -1.34 7.58
N ALA C 59 -12.26 -0.43 8.41
CA ALA C 59 -11.58 0.81 8.77
C ALA C 59 -10.86 0.71 10.11
N GLU C 60 -9.54 0.90 10.08
CA GLU C 60 -8.75 0.88 11.29
C GLU C 60 -9.28 1.87 12.35
N HIS C 61 -9.66 3.06 11.91
CA HIS C 61 -10.11 4.07 12.83
C HIS C 61 -11.42 3.69 13.54
N ALA C 62 -12.29 2.96 12.85
CA ALA C 62 -13.57 2.55 13.42
C ALA C 62 -13.33 1.59 14.56
N LEU C 63 -12.38 0.67 14.38
CA LEU C 63 -12.02 -0.24 15.45
C LEU C 63 -11.36 0.49 16.63
N ILE C 64 -10.50 1.47 16.36
CA ILE C 64 -9.85 2.23 17.39
C ILE C 64 -10.92 3.01 18.19
N ASP C 65 -11.85 3.63 17.47
CA ASP C 65 -12.92 4.42 18.11
C ASP C 65 -13.78 3.53 19.01
N SER C 66 -14.04 2.30 18.57
CA SER C 66 -14.84 1.34 19.35
C SER C 66 -14.14 0.97 20.64
N ILE C 67 -12.83 0.77 20.54
CA ILE C 67 -12.00 0.48 21.70
C ILE C 67 -12.02 1.67 22.67
N HIS C 68 -11.84 2.88 22.17
CA HIS C 68 -11.90 4.06 22.99
C HIS C 68 -13.28 4.15 23.69
N GLN C 69 -14.34 3.87 22.94
CA GLN C 69 -15.70 4.00 23.46
C GLN C 69 -16.08 2.91 24.46
N ALA C 70 -15.26 1.85 24.54
CA ALA C 70 -15.47 0.76 25.50
C ALA C 70 -15.06 1.12 26.92
N ARG C 71 -14.23 2.15 27.08
CA ARG C 71 -13.79 2.64 28.40
C ARG C 71 -14.94 2.83 29.37
N GLY C 72 -14.81 2.21 30.55
CA GLY C 72 -15.82 2.34 31.60
C GLY C 72 -17.10 1.54 31.42
N ASN C 73 -17.20 0.74 30.36
CA ASN C 73 -18.41 -0.05 30.17
C ASN C 73 -18.20 -1.46 29.70
N THR C 74 -16.94 -1.81 29.42
CA THR C 74 -16.60 -3.12 28.84
C THR C 74 -15.58 -3.82 29.69
N ASP C 75 -15.85 -5.07 30.02
CA ASP C 75 -15.01 -5.86 30.91
C ASP C 75 -13.94 -6.64 30.18
N PHE C 76 -14.16 -6.90 28.90
CA PHE C 76 -13.24 -7.72 28.12
C PHE C 76 -13.50 -7.52 26.65
N ILE C 77 -12.43 -7.58 25.87
CA ILE C 77 -12.52 -7.49 24.41
C ILE C 77 -12.08 -8.80 23.73
N LEU C 78 -12.90 -9.26 22.80
CA LEU C 78 -12.56 -10.38 21.94
C LEU C 78 -12.33 -9.76 20.55
N ILE C 79 -11.17 -9.98 19.97
CA ILE C 79 -10.85 -9.35 18.69
C ILE C 79 -10.23 -10.32 17.70
N ASN C 80 -10.87 -10.42 16.53
CA ASN C 80 -10.23 -11.05 15.40
C ASN C 80 -9.78 -9.88 14.54
N PRO C 81 -8.51 -9.50 14.64
CA PRO C 81 -8.00 -8.30 13.95
C PRO C 81 -7.73 -8.49 12.47
N ALA C 82 -7.78 -9.75 12.04
CA ALA C 82 -7.48 -10.13 10.67
C ALA C 82 -6.13 -9.48 10.27
N ALA C 83 -6.02 -8.91 9.07
CA ALA C 83 -4.73 -8.38 8.58
C ALA C 83 -4.11 -7.29 9.47
N PHE C 84 -4.91 -6.56 10.24
CA PHE C 84 -4.35 -5.50 11.05
C PHE C 84 -3.43 -5.98 12.16
N THR C 85 -3.48 -7.28 12.53
CA THR C 85 -2.58 -7.73 13.58
C THR C 85 -1.11 -7.57 13.15
N HIS C 86 -0.88 -7.60 11.85
CA HIS C 86 0.48 -7.54 11.34
C HIS C 86 0.99 -6.13 11.10
N THR C 87 0.09 -5.17 11.09
CA THR C 87 0.44 -3.83 10.63
C THR C 87 0.09 -2.67 11.54
N SER C 88 -0.91 -2.82 12.41
CA SER C 88 -1.45 -1.68 13.14
C SER C 88 -0.87 -1.44 14.54
N VAL C 89 0.14 -0.60 14.61
CA VAL C 89 0.66 -0.14 15.88
C VAL C 89 -0.44 0.73 16.55
N ALA C 90 -1.23 1.42 15.71
CA ALA C 90 -2.31 2.27 16.26
C ALA C 90 -3.34 1.47 17.08
N LEU C 91 -3.71 0.29 16.59
N LEU C 91 -3.66 0.28 16.57
CA LEU C 91 -4.64 -0.56 17.35
CA LEU C 91 -4.59 -0.64 17.20
C LEU C 91 -3.97 -1.04 18.62
C LEU C 91 -4.01 -1.16 18.51
N ARG C 92 -2.72 -1.45 18.52
CA ARG C 92 -2.02 -1.88 19.73
C ARG C 92 -2.10 -0.76 20.78
N ASP C 93 -1.85 0.48 20.36
CA ASP C 93 -1.79 1.58 21.29
C ASP C 93 -3.20 1.96 21.80
N ALA C 94 -4.25 1.67 21.02
CA ALA C 94 -5.61 1.88 21.49
C ALA C 94 -5.92 0.92 22.64
N LEU C 95 -5.57 -0.34 22.46
CA LEU C 95 -5.78 -1.37 23.48
C LEU C 95 -4.97 -1.10 24.74
N LEU C 96 -3.72 -0.70 24.56
CA LEU C 96 -2.87 -0.35 25.70
C LEU C 96 -3.42 0.89 26.42
N GLY C 97 -3.92 1.85 25.65
CA GLY C 97 -4.47 3.08 26.19
C GLY C 97 -5.71 2.91 27.07
N VAL C 98 -6.53 1.93 26.71
N VAL C 98 -6.66 2.04 26.68
CA VAL C 98 -7.80 1.65 27.36
CA VAL C 98 -7.92 1.91 27.46
C VAL C 98 -7.65 0.61 28.48
C VAL C 98 -7.83 0.89 28.59
N GLN C 99 -6.57 -0.19 28.43
N GLN C 99 -6.83 0.01 28.51
CA GLN C 99 -6.30 -1.17 29.49
CA GLN C 99 -6.50 -0.97 29.57
C GLN C 99 -7.47 -2.12 29.78
C GLN C 99 -7.43 -2.18 29.75
N ILE C 100 -8.21 -2.50 28.73
CA ILE C 100 -9.22 -3.56 28.83
C ILE C 100 -8.54 -4.81 28.31
N PRO C 101 -8.55 -5.91 29.09
CA PRO C 101 -7.92 -7.13 28.59
C PRO C 101 -8.58 -7.66 27.34
N PHE C 102 -7.80 -8.34 26.49
CA PHE C 102 -8.35 -8.90 25.27
C PHE C 102 -7.74 -10.24 24.91
N ILE C 103 -8.50 -10.98 24.14
CA ILE C 103 -8.04 -12.22 23.51
C ILE C 103 -8.08 -12.02 21.98
N GLU C 104 -7.02 -12.49 21.33
CA GLU C 104 -6.87 -12.41 19.87
C GLU C 104 -7.28 -13.74 19.26
N ILE C 105 -8.12 -13.66 18.23
CA ILE C 105 -8.68 -14.78 17.56
C ILE C 105 -8.46 -14.75 16.05
N HIS C 106 -7.96 -15.86 15.50
CA HIS C 106 -7.85 -16.06 14.06
C HIS C 106 -8.56 -17.34 13.67
N LEU C 107 -9.35 -17.29 12.61
CA LEU C 107 -10.07 -18.49 12.16
C LEU C 107 -9.10 -19.57 11.66
N SER C 108 -8.14 -19.14 10.86
CA SER C 108 -7.14 -20.03 10.26
C SER C 108 -5.87 -20.02 11.07
N ASN C 109 -5.02 -21.02 10.81
CA ASN C 109 -3.73 -21.07 11.42
C ASN C 109 -2.81 -20.15 10.65
N VAL C 110 -2.58 -18.96 11.21
CA VAL C 110 -1.78 -17.94 10.53
C VAL C 110 -0.31 -18.25 10.45
N HIS C 111 0.15 -19.23 11.22
CA HIS C 111 1.56 -19.66 11.15
C HIS C 111 1.83 -20.64 10.03
N ALA C 112 0.77 -21.13 9.39
CA ALA C 112 0.87 -22.05 8.26
C ALA C 112 0.84 -21.32 6.94
N ARG C 113 0.92 -19.99 6.98
CA ARG C 113 0.82 -19.18 5.76
C ARG C 113 2.15 -18.47 5.51
N GLU C 114 2.12 -17.29 4.87
CA GLU C 114 3.35 -16.57 4.60
C GLU C 114 4.10 -16.20 5.87
N PRO C 115 5.43 -16.15 5.79
CA PRO C 115 6.19 -15.77 6.96
C PRO C 115 5.84 -14.39 7.51
N PHE C 116 5.42 -13.45 6.69
CA PHE C 116 5.06 -12.15 7.21
C PHE C 116 3.88 -12.22 8.19
N ARG C 117 3.05 -13.25 8.11
CA ARG C 117 1.90 -13.35 8.99
C ARG C 117 2.29 -13.81 10.40
N HIS C 118 3.56 -14.17 10.59
N HIS C 118 3.56 -14.14 10.60
CA HIS C 118 4.05 -14.54 11.92
CA HIS C 118 4.01 -14.56 11.92
C HIS C 118 4.22 -13.35 12.84
C HIS C 118 4.25 -13.35 12.84
N HIS C 119 4.35 -12.15 12.28
CA HIS C 119 4.57 -10.94 13.06
C HIS C 119 3.26 -10.33 13.52
N SER C 120 3.20 -9.93 14.77
CA SER C 120 2.01 -9.29 15.25
C SER C 120 2.30 -8.16 16.20
N TYR C 121 1.47 -7.12 16.12
CA TYR C 121 1.55 -6.02 17.06
C TYR C 121 0.57 -6.20 18.23
N LEU C 122 -0.21 -7.28 18.23
CA LEU C 122 -1.17 -7.54 19.29
C LEU C 122 -0.92 -8.76 20.15
N SER C 123 -0.31 -9.80 19.58
N SER C 123 -0.37 -9.82 19.59
CA SER C 123 -0.25 -11.07 20.30
CA SER C 123 -0.26 -11.07 20.33
C SER C 123 0.53 -11.00 21.61
C SER C 123 0.46 -10.91 21.67
N ASP C 124 1.52 -10.11 21.70
CA ASP C 124 2.32 -9.98 22.92
C ASP C 124 1.64 -9.27 24.07
N ILE C 125 0.61 -8.49 23.78
CA ILE C 125 -0.13 -7.77 24.81
C ILE C 125 -1.52 -8.36 25.12
N ALA C 126 -1.89 -9.39 24.37
CA ALA C 126 -3.16 -10.08 24.55
C ALA C 126 -3.04 -10.96 25.78
N VAL C 127 -4.16 -11.22 26.43
CA VAL C 127 -4.17 -12.23 27.48
C VAL C 127 -3.74 -13.57 26.87
N GLY C 128 -4.36 -13.90 25.73
CA GLY C 128 -4.04 -15.10 24.98
C GLY C 128 -4.47 -14.98 23.54
N VAL C 129 -4.18 -16.03 22.80
CA VAL C 129 -4.41 -16.13 21.38
C VAL C 129 -4.96 -17.49 21.05
N ILE C 130 -5.96 -17.51 20.18
CA ILE C 130 -6.53 -18.73 19.66
C ILE C 130 -6.50 -18.64 18.14
N CYS C 131 -5.86 -19.61 17.48
CA CYS C 131 -5.86 -19.65 16.02
C CYS C 131 -6.09 -21.02 15.46
N GLY C 132 -6.66 -21.03 14.26
CA GLY C 132 -6.82 -22.27 13.52
C GLY C 132 -7.98 -23.14 13.85
N LEU C 133 -8.86 -22.72 14.74
CA LEU C 133 -9.95 -23.57 15.18
C LEU C 133 -11.29 -23.17 14.59
N GLY C 134 -11.24 -22.29 13.58
CA GLY C 134 -12.45 -21.84 12.92
C GLY C 134 -13.33 -21.04 13.86
N ALA C 135 -14.62 -21.00 13.56
CA ALA C 135 -15.62 -20.26 14.35
C ALA C 135 -15.62 -20.61 15.82
N ASP C 136 -15.30 -21.87 16.12
CA ASP C 136 -15.22 -22.32 17.53
C ASP C 136 -14.28 -21.46 18.37
N GLY C 137 -13.25 -20.86 17.76
CA GLY C 137 -12.34 -19.99 18.49
C GLY C 137 -13.03 -18.82 19.16
N TYR C 138 -14.08 -18.30 18.54
CA TYR C 138 -14.87 -17.24 19.15
C TYR C 138 -15.60 -17.78 20.39
N ASN C 139 -16.22 -18.94 20.25
CA ASN C 139 -16.89 -19.62 21.38
C ASN C 139 -15.93 -19.78 22.57
N PHE C 140 -14.73 -20.34 22.32
CA PHE C 140 -13.78 -20.55 23.37
C PHE C 140 -13.25 -19.27 23.98
N ALA C 141 -13.01 -18.25 23.16
CA ALA C 141 -12.53 -16.99 23.68
C ALA C 141 -13.57 -16.36 24.63
N LEU C 142 -14.85 -16.47 24.29
CA LEU C 142 -15.91 -15.92 25.12
C LEU C 142 -15.96 -16.69 26.46
N GLN C 143 -15.85 -18.02 26.40
CA GLN C 143 -15.84 -18.85 27.60
C GLN C 143 -14.64 -18.43 28.46
N ALA C 144 -13.46 -18.28 27.83
CA ALA C 144 -12.26 -17.89 28.56
C ALA C 144 -12.43 -16.54 29.27
N ALA C 145 -13.01 -15.57 28.57
CA ALA C 145 -13.22 -14.26 29.11
C ALA C 145 -14.12 -14.31 30.36
N VAL C 146 -15.23 -15.00 30.21
CA VAL C 146 -16.22 -15.11 31.31
C VAL C 146 -15.64 -15.87 32.49
N ASN C 147 -14.89 -16.92 32.21
CA ASN C 147 -14.23 -17.69 33.24
C ASN C 147 -13.26 -16.82 34.04
N ARG C 148 -12.48 -15.98 33.34
N ARG C 148 -12.49 -15.99 33.34
CA ARG C 148 -11.52 -15.11 34.00
CA ARG C 148 -11.54 -15.10 33.98
C ARG C 148 -12.19 -14.01 34.81
C ARG C 148 -12.26 -14.07 34.84
N LEU C 149 -13.27 -13.43 34.27
CA LEU C 149 -14.02 -12.37 34.95
C LEU C 149 -14.73 -12.91 36.20
N SER C 150 -15.16 -14.17 36.13
CA SER C 150 -15.86 -14.81 37.23
C SER C 150 -14.96 -15.17 38.41
N LYS C 151 -13.64 -15.17 38.21
CA LYS C 151 -12.70 -15.44 39.30
C LYS C 151 -12.78 -14.32 40.33
N ASP D 6 16.13 10.99 -39.57
CA ASP D 6 16.69 9.80 -38.85
C ASP D 6 15.65 9.12 -37.96
N LYS D 7 15.30 7.90 -38.33
CA LYS D 7 14.37 7.15 -37.53
C LYS D 7 15.09 6.63 -36.27
N PHE D 8 14.29 6.34 -35.26
CA PHE D 8 14.82 5.80 -34.03
C PHE D 8 15.27 4.39 -34.27
N HIS D 9 16.28 4.00 -33.49
CA HIS D 9 16.77 2.63 -33.55
C HIS D 9 16.71 2.07 -32.14
N ILE D 10 16.04 0.93 -32.01
CA ILE D 10 15.87 0.26 -30.69
C ILE D 10 16.52 -1.10 -30.74
N LEU D 11 17.24 -1.46 -29.68
CA LEU D 11 17.91 -2.74 -29.57
C LEU D 11 17.16 -3.57 -28.52
N LEU D 12 16.71 -4.74 -28.96
CA LEU D 12 16.01 -5.71 -28.13
C LEU D 12 17.00 -6.81 -27.74
N LEU D 13 17.22 -6.97 -26.44
CA LEU D 13 18.11 -8.00 -25.94
C LEU D 13 17.33 -9.00 -25.13
N ASN D 14 17.61 -10.27 -25.40
CA ASN D 14 17.04 -11.36 -24.63
C ASN D 14 18.15 -12.21 -24.00
N GLY D 15 18.05 -12.42 -22.69
CA GLY D 15 19.06 -13.17 -21.96
C GLY D 15 18.91 -14.70 -21.99
N PRO D 16 19.56 -15.34 -21.01
CA PRO D 16 19.67 -16.80 -21.06
C PRO D 16 18.37 -17.56 -20.93
N ASN D 17 18.35 -18.68 -21.65
CA ASN D 17 17.25 -19.65 -21.62
C ASN D 17 15.99 -19.23 -22.34
N LEU D 18 15.92 -17.98 -22.80
CA LEU D 18 14.70 -17.52 -23.49
C LEU D 18 14.53 -18.19 -24.88
N ASN D 19 15.60 -18.78 -25.39
CA ASN D 19 15.51 -19.57 -26.64
C ASN D 19 14.61 -20.79 -26.43
N LEU D 20 14.41 -21.21 -25.20
CA LEU D 20 13.53 -22.34 -24.89
C LEU D 20 12.02 -22.04 -24.90
N LEU D 21 11.65 -20.77 -25.05
N LEU D 21 11.65 -20.78 -25.03
CA LEU D 21 10.26 -20.40 -25.01
CA LEU D 21 10.25 -20.39 -24.94
C LEU D 21 9.44 -21.23 -25.97
C LEU D 21 9.41 -21.15 -25.96
N GLY D 22 8.29 -21.68 -25.47
CA GLY D 22 7.36 -22.43 -26.30
C GLY D 22 7.68 -23.90 -26.38
N THR D 23 8.78 -24.34 -25.75
CA THR D 23 9.18 -25.75 -25.83
C THR D 23 8.92 -26.58 -24.57
N ARG D 24 8.80 -25.95 -23.40
CA ARG D 24 8.48 -26.73 -22.19
C ARG D 24 6.95 -26.84 -21.98
N GLU D 25 6.42 -28.06 -22.14
CA GLU D 25 5.00 -28.36 -21.91
C GLU D 25 4.08 -27.25 -22.44
N PRO D 26 4.03 -27.07 -23.76
CA PRO D 26 3.24 -25.99 -24.39
C PRO D 26 1.75 -25.93 -24.02
N GLU D 27 1.10 -27.08 -23.88
CA GLU D 27 -0.31 -27.10 -23.47
C GLU D 27 -0.49 -26.51 -22.07
N LYS D 28 0.58 -26.55 -21.26
CA LYS D 28 0.56 -25.99 -19.91
C LYS D 28 1.15 -24.56 -19.88
N TYR D 29 2.37 -24.39 -20.40
CA TYR D 29 3.07 -23.10 -20.34
C TYR D 29 2.84 -22.15 -21.53
N GLY D 30 2.31 -22.67 -22.64
CA GLY D 30 2.07 -21.86 -23.83
C GLY D 30 3.00 -22.22 -24.98
N TYR D 31 2.54 -21.90 -26.19
CA TYR D 31 3.22 -22.22 -27.44
C TYR D 31 4.10 -21.11 -28.07
N THR D 32 3.89 -19.86 -27.67
CA THR D 32 4.63 -18.75 -28.28
C THR D 32 6.15 -18.96 -28.16
N THR D 33 6.86 -18.85 -29.27
CA THR D 33 8.32 -19.02 -29.28
C THR D 33 9.01 -17.67 -29.29
N LEU D 34 10.31 -17.66 -28.99
CA LEU D 34 11.03 -16.39 -29.02
C LEU D 34 11.05 -15.80 -30.42
N ALA D 35 11.27 -16.64 -31.43
CA ALA D 35 11.33 -16.15 -32.81
C ALA D 35 10.01 -15.48 -33.22
N GLU D 36 8.89 -16.05 -32.77
CA GLU D 36 7.56 -15.45 -33.04
C GLU D 36 7.43 -14.08 -32.38
N ILE D 37 7.84 -13.98 -31.12
CA ILE D 37 7.77 -12.70 -30.41
C ILE D 37 8.60 -11.65 -31.14
N VAL D 38 9.84 -12.00 -31.47
CA VAL D 38 10.75 -11.08 -32.10
C VAL D 38 10.22 -10.66 -33.47
N SER D 39 9.72 -11.62 -34.26
CA SER D 39 9.26 -11.29 -35.62
C SER D 39 8.04 -10.39 -35.56
N GLN D 40 7.18 -10.61 -34.56
CA GLN D 40 6.00 -9.74 -34.35
C GLN D 40 6.47 -8.33 -33.96
N LEU D 41 7.48 -8.25 -33.08
N LEU D 41 7.46 -8.25 -33.06
CA LEU D 41 7.95 -6.95 -32.63
CA LEU D 41 8.00 -6.95 -32.65
C LEU D 41 8.60 -6.17 -33.78
C LEU D 41 8.58 -6.17 -33.82
N GLU D 42 9.27 -6.89 -34.70
CA GLU D 42 9.88 -6.26 -35.87
C GLU D 42 8.79 -5.58 -36.74
N ILE D 43 7.68 -6.27 -36.95
N ILE D 43 7.68 -6.29 -36.93
CA ILE D 43 6.60 -5.72 -37.78
CA ILE D 43 6.52 -5.78 -37.68
C ILE D 43 5.92 -4.56 -37.05
C ILE D 43 6.05 -4.50 -37.02
N GLN D 44 5.87 -4.62 -35.72
N GLN D 44 5.73 -4.60 -35.73
CA GLN D 44 5.29 -3.52 -34.94
CA GLN D 44 5.25 -3.47 -34.95
C GLN D 44 6.19 -2.30 -35.06
C GLN D 44 6.20 -2.28 -35.10
N ALA D 45 7.49 -2.53 -34.95
CA ALA D 45 8.48 -1.48 -35.08
C ALA D 45 8.42 -0.82 -36.48
N GLN D 46 8.28 -1.63 -37.51
CA GLN D 46 8.20 -1.09 -38.87
C GLN D 46 7.01 -0.14 -38.96
N GLY D 47 5.89 -0.53 -38.36
CA GLY D 47 4.67 0.29 -38.32
C GLY D 47 4.83 1.62 -37.59
N MET D 48 5.76 1.67 -36.65
CA MET D 48 6.03 2.89 -35.90
C MET D 48 7.17 3.68 -36.52
N ASP D 49 7.64 3.21 -37.66
CA ASP D 49 8.74 3.82 -38.40
C ASP D 49 10.03 3.84 -37.58
N VAL D 50 10.29 2.72 -36.89
N VAL D 50 10.31 2.77 -36.84
CA VAL D 50 11.44 2.53 -36.02
CA VAL D 50 11.55 2.68 -36.09
C VAL D 50 12.27 1.33 -36.48
C VAL D 50 12.27 1.37 -36.43
N ALA D 51 13.60 1.44 -36.43
CA ALA D 51 14.48 0.30 -36.74
C ALA D 51 14.66 -0.51 -35.45
N LEU D 52 14.64 -1.83 -35.56
CA LEU D 52 14.76 -2.72 -34.40
C LEU D 52 15.79 -3.79 -34.67
N SER D 53 16.80 -3.87 -33.81
CA SER D 53 17.81 -4.92 -33.87
C SER D 53 17.55 -5.85 -32.68
N HIS D 54 17.96 -7.11 -32.82
N HIS D 54 18.02 -7.08 -32.78
CA HIS D 54 17.75 -8.13 -31.77
CA HIS D 54 17.78 -8.04 -31.73
C HIS D 54 18.95 -9.03 -31.57
C HIS D 54 18.86 -9.11 -31.57
N LEU D 55 19.16 -9.42 -30.31
CA LEU D 55 20.10 -10.46 -29.98
C LEU D 55 19.56 -11.22 -28.78
N GLN D 56 19.55 -12.54 -28.87
CA GLN D 56 19.35 -13.38 -27.71
C GLN D 56 20.64 -14.16 -27.51
N SER D 57 21.06 -14.24 -26.25
CA SER D 57 22.24 -15.02 -25.91
C SER D 57 22.20 -15.59 -24.51
N ASN D 58 22.86 -16.74 -24.37
CA ASN D 58 23.07 -17.34 -23.07
C ASN D 58 24.38 -16.88 -22.46
N ALA D 59 25.14 -16.10 -23.22
CA ALA D 59 26.46 -15.61 -22.80
C ALA D 59 26.38 -14.18 -22.30
N GLU D 60 26.71 -13.97 -21.03
CA GLU D 60 26.73 -12.62 -20.46
C GLU D 60 27.59 -11.69 -21.35
N HIS D 61 28.77 -12.16 -21.77
CA HIS D 61 29.69 -11.31 -22.55
C HIS D 61 29.12 -10.84 -23.87
N ALA D 62 28.29 -11.66 -24.48
CA ALA D 62 27.68 -11.32 -25.75
C ALA D 62 26.68 -10.21 -25.59
N LEU D 63 25.92 -10.25 -24.50
CA LEU D 63 24.98 -9.18 -24.19
C LEU D 63 25.75 -7.88 -23.90
N ILE D 64 26.81 -7.99 -23.12
CA ILE D 64 27.62 -6.82 -22.80
C ILE D 64 28.22 -6.22 -24.09
N ASP D 65 28.75 -7.04 -24.96
CA ASP D 65 29.35 -6.59 -26.23
C ASP D 65 28.30 -5.87 -27.09
N SER D 66 27.10 -6.43 -27.12
CA SER D 66 25.99 -5.84 -27.87
C SER D 66 25.66 -4.44 -27.34
N ILE D 67 25.65 -4.28 -26.02
CA ILE D 67 25.37 -3.00 -25.38
C ILE D 67 26.49 -2.03 -25.71
N HIS D 68 27.74 -2.49 -25.64
CA HIS D 68 28.84 -1.61 -26.03
C HIS D 68 28.72 -1.16 -27.49
N GLN D 69 28.34 -2.09 -28.37
CA GLN D 69 28.26 -1.83 -29.81
C GLN D 69 27.10 -0.91 -30.16
N ALA D 70 26.17 -0.73 -29.23
CA ALA D 70 25.01 0.12 -29.43
C ALA D 70 25.36 1.59 -29.34
N ARG D 71 26.49 1.91 -28.72
CA ARG D 71 26.92 3.30 -28.58
C ARG D 71 26.90 4.07 -29.88
N GLY D 72 26.21 5.21 -29.86
CA GLY D 72 26.15 6.08 -31.03
C GLY D 72 25.20 5.67 -32.13
N ASN D 73 24.52 4.53 -32.01
CA ASN D 73 23.58 4.12 -33.03
C ASN D 73 22.23 3.71 -32.51
N THR D 74 22.07 3.68 -31.19
CA THR D 74 20.85 3.14 -30.55
C THR D 74 20.24 4.14 -29.55
N ASP D 75 18.95 4.40 -29.72
CA ASP D 75 18.23 5.36 -28.91
C ASP D 75 17.63 4.81 -27.62
N PHE D 76 17.40 3.49 -27.59
CA PHE D 76 16.74 2.86 -26.45
C PHE D 76 17.00 1.37 -26.50
N ILE D 77 17.05 0.76 -25.33
CA ILE D 77 17.25 -0.68 -25.21
C ILE D 77 16.05 -1.29 -24.50
N LEU D 78 15.53 -2.38 -25.07
CA LEU D 78 14.51 -3.19 -24.42
C LEU D 78 15.20 -4.49 -24.03
N ILE D 79 15.17 -4.86 -22.76
CA ILE D 79 15.92 -6.05 -22.35
C ILE D 79 15.10 -6.93 -21.46
N ASN D 80 14.99 -8.19 -21.88
CA ASN D 80 14.52 -9.27 -20.99
C ASN D 80 15.80 -10.00 -20.55
N PRO D 81 16.31 -9.65 -19.39
CA PRO D 81 17.61 -10.17 -18.93
C PRO D 81 17.55 -11.57 -18.38
N ALA D 82 16.33 -12.07 -18.22
CA ALA D 82 16.08 -13.39 -17.60
C ALA D 82 16.91 -13.51 -16.29
N ALA D 83 17.58 -14.63 -16.07
CA ALA D 83 18.27 -14.86 -14.79
C ALA D 83 19.38 -13.87 -14.49
N PHE D 84 19.94 -13.23 -15.52
CA PHE D 84 21.03 -12.28 -15.28
C PHE D 84 20.62 -11.03 -14.50
N THR D 85 19.32 -10.74 -14.45
CA THR D 85 18.89 -9.58 -13.67
C THR D 85 19.26 -9.75 -12.18
N HIS D 86 19.34 -10.99 -11.71
CA HIS D 86 19.62 -11.23 -10.28
C HIS D 86 21.10 -11.33 -9.97
N THR D 87 21.92 -11.49 -10.99
CA THR D 87 23.33 -11.86 -10.80
C THR D 87 24.38 -10.98 -11.44
N SER D 88 24.02 -10.27 -12.51
CA SER D 88 25.06 -9.61 -13.29
C SER D 88 25.31 -8.14 -13.01
N VAL D 89 26.28 -7.86 -12.14
CA VAL D 89 26.71 -6.49 -11.95
C VAL D 89 27.41 -6.00 -13.25
N ALA D 90 28.05 -6.91 -13.97
CA ALA D 90 28.72 -6.53 -15.23
C ALA D 90 27.74 -5.96 -16.27
N LEU D 91 26.55 -6.55 -16.38
N LEU D 91 26.55 -6.54 -16.33
CA LEU D 91 25.52 -6.03 -17.29
CA LEU D 91 25.52 -6.11 -17.23
C LEU D 91 25.02 -4.66 -16.81
C LEU D 91 24.99 -4.72 -16.81
N ARG D 92 24.84 -4.51 -15.50
CA ARG D 92 24.43 -3.22 -14.94
C ARG D 92 25.44 -2.16 -15.39
N ASP D 93 26.73 -2.49 -15.20
CA ASP D 93 27.79 -1.56 -15.50
C ASP D 93 27.97 -1.28 -16.99
N ALA D 94 27.58 -2.23 -17.85
CA ALA D 94 27.60 -1.99 -19.29
C ALA D 94 26.53 -0.94 -19.61
N LEU D 95 25.33 -1.13 -19.07
CA LEU D 95 24.22 -0.21 -19.29
C LEU D 95 24.52 1.18 -18.76
N LEU D 96 25.08 1.25 -17.58
CA LEU D 96 25.46 2.56 -17.03
C LEU D 96 26.59 3.17 -17.86
N GLY D 97 27.52 2.33 -18.35
CA GLY D 97 28.64 2.80 -19.11
C GLY D 97 28.26 3.45 -20.42
N VAL D 98 27.27 2.90 -21.10
CA VAL D 98 26.87 3.44 -22.39
C VAL D 98 25.76 4.51 -22.31
N GLN D 99 25.08 4.57 -21.19
CA GLN D 99 24.08 5.63 -20.92
C GLN D 99 22.95 5.66 -21.92
N ILE D 100 22.53 4.50 -22.37
CA ILE D 100 21.36 4.37 -23.22
C ILE D 100 20.22 3.93 -22.32
N PRO D 101 19.09 4.65 -22.34
CA PRO D 101 18.00 4.25 -21.46
C PRO D 101 17.43 2.89 -21.82
N PHE D 102 16.92 2.19 -20.83
CA PHE D 102 16.33 0.88 -21.08
C PHE D 102 15.10 0.58 -20.24
N ILE D 103 14.27 -0.33 -20.76
CA ILE D 103 13.16 -0.91 -20.02
C ILE D 103 13.44 -2.39 -19.84
N GLU D 104 13.15 -2.88 -18.65
CA GLU D 104 13.36 -4.29 -18.25
C GLU D 104 12.02 -5.00 -18.40
N ILE D 105 12.05 -6.15 -19.07
CA ILE D 105 10.85 -6.94 -19.35
C ILE D 105 11.03 -8.37 -18.86
N HIS D 106 10.04 -8.86 -18.12
CA HIS D 106 9.94 -10.28 -17.77
C HIS D 106 8.57 -10.82 -18.20
N LEU D 107 8.55 -12.00 -18.81
CA LEU D 107 7.30 -12.60 -19.27
C LEU D 107 6.39 -12.98 -18.11
N SER D 108 6.96 -13.59 -17.09
CA SER D 108 6.23 -14.02 -15.92
C SER D 108 6.43 -13.06 -14.76
N ASN D 109 5.61 -13.24 -13.74
CA ASN D 109 5.67 -12.41 -12.57
C ASN D 109 6.78 -12.99 -11.70
N VAL D 110 7.94 -12.37 -11.75
N VAL D 110 7.94 -12.35 -11.78
CA VAL D 110 9.10 -12.87 -11.03
CA VAL D 110 9.14 -12.71 -11.04
C VAL D 110 9.04 -12.60 -9.51
C VAL D 110 8.92 -12.74 -9.53
N HIS D 111 8.01 -11.89 -9.06
CA HIS D 111 7.76 -11.72 -7.64
C HIS D 111 6.92 -12.83 -7.05
N ALA D 112 6.34 -13.66 -7.90
CA ALA D 112 5.51 -14.80 -7.47
C ALA D 112 6.29 -16.11 -7.38
N ARG D 113 7.62 -16.04 -7.51
N ARG D 113 7.62 -16.02 -7.33
CA ARG D 113 8.46 -17.23 -7.41
CA ARG D 113 8.44 -17.21 -7.38
C ARG D 113 9.42 -17.03 -6.23
C ARG D 113 9.31 -17.31 -6.12
N GLU D 114 10.58 -17.69 -6.26
CA GLU D 114 11.47 -17.69 -5.11
C GLU D 114 11.84 -16.32 -4.64
N PRO D 115 12.01 -16.16 -3.32
CA PRO D 115 12.45 -14.89 -2.81
C PRO D 115 13.71 -14.33 -3.46
N PHE D 116 14.68 -15.17 -3.88
CA PHE D 116 15.88 -14.63 -4.48
C PHE D 116 15.61 -13.86 -5.77
N ARG D 117 14.50 -14.14 -6.45
CA ARG D 117 14.23 -13.45 -7.72
C ARG D 117 13.71 -12.03 -7.49
N HIS D 118 13.56 -11.62 -6.23
CA HIS D 118 13.15 -10.25 -5.95
C HIS D 118 14.32 -9.28 -6.12
N HIS D 119 15.55 -9.79 -6.05
CA HIS D 119 16.74 -8.95 -6.12
C HIS D 119 17.13 -8.73 -7.55
N SER D 120 17.43 -7.49 -7.89
CA SER D 120 17.89 -7.18 -9.23
C SER D 120 19.01 -6.14 -9.23
N TYR D 121 19.96 -6.35 -10.13
CA TYR D 121 20.97 -5.35 -10.40
C TYR D 121 20.59 -4.41 -11.54
N LEU D 122 19.39 -4.54 -12.09
CA LEU D 122 18.96 -3.68 -13.21
C LEU D 122 17.71 -2.83 -12.95
N SER D 123 16.80 -3.33 -12.10
N SER D 123 16.76 -3.35 -12.18
CA SER D 123 15.50 -2.68 -11.95
CA SER D 123 15.51 -2.62 -12.02
C SER D 123 15.58 -1.25 -11.43
C SER D 123 15.70 -1.17 -11.58
N ASP D 124 16.58 -0.93 -10.60
CA ASP D 124 16.73 0.40 -10.08
C ASP D 124 17.28 1.42 -11.07
N ILE D 125 17.93 0.98 -12.13
CA ILE D 125 18.50 1.90 -13.11
C ILE D 125 17.73 1.92 -14.44
N ALA D 126 16.71 1.09 -14.53
CA ALA D 126 15.84 1.01 -15.68
C ALA D 126 14.92 2.22 -15.67
N VAL D 127 14.49 2.65 -16.85
CA VAL D 127 13.40 3.64 -16.92
C VAL D 127 12.17 3.08 -16.20
N GLY D 128 11.87 1.83 -16.52
CA GLY D 128 10.80 1.11 -15.90
C GLY D 128 10.91 -0.37 -16.14
N VAL D 129 9.92 -1.08 -15.63
CA VAL D 129 9.89 -2.52 -15.59
C VAL D 129 8.46 -3.00 -15.88
N ILE D 130 8.37 -4.04 -16.69
CA ILE D 130 7.10 -4.70 -16.98
C ILE D 130 7.32 -6.18 -16.71
N CYS D 131 6.49 -6.76 -15.85
CA CYS D 131 6.57 -8.21 -15.59
C CYS D 131 5.19 -8.83 -15.58
N GLY D 132 5.13 -10.09 -15.97
CA GLY D 132 3.93 -10.88 -15.81
C GLY D 132 2.86 -10.80 -16.86
N LEU D 133 3.10 -9.99 -17.89
CA LEU D 133 2.12 -9.78 -18.93
C LEU D 133 2.40 -10.59 -20.21
N GLY D 134 3.31 -11.54 -20.11
CA GLY D 134 3.65 -12.35 -21.25
C GLY D 134 4.26 -11.56 -22.36
N ALA D 135 4.11 -12.06 -23.59
CA ALA D 135 4.72 -11.39 -24.76
C ALA D 135 4.30 -9.96 -24.99
N ASP D 136 3.05 -9.63 -24.61
CA ASP D 136 2.54 -8.27 -24.71
C ASP D 136 3.47 -7.28 -24.04
N GLY D 137 4.16 -7.71 -22.99
CA GLY D 137 5.11 -6.80 -22.30
C GLY D 137 6.17 -6.23 -23.24
N TYR D 138 6.60 -6.99 -24.24
CA TYR D 138 7.54 -6.47 -25.23
C TYR D 138 6.91 -5.38 -26.12
N ASN D 139 5.66 -5.61 -26.52
CA ASN D 139 4.89 -4.61 -27.30
C ASN D 139 4.72 -3.32 -26.53
N PHE D 140 4.33 -3.43 -25.26
CA PHE D 140 4.16 -2.26 -24.43
C PHE D 140 5.47 -1.54 -24.19
N ALA D 141 6.55 -2.30 -23.98
CA ALA D 141 7.86 -1.68 -23.77
C ALA D 141 8.30 -0.89 -25.00
N LEU D 142 8.03 -1.45 -26.17
CA LEU D 142 8.40 -0.78 -27.43
C LEU D 142 7.59 0.51 -27.60
N GLN D 143 6.29 0.42 -27.35
CA GLN D 143 5.43 1.62 -27.41
C GLN D 143 5.89 2.66 -26.42
N ALA D 144 6.18 2.25 -25.19
CA ALA D 144 6.71 3.15 -24.19
C ALA D 144 7.98 3.87 -24.65
N ALA D 145 8.92 3.12 -25.23
CA ALA D 145 10.18 3.67 -25.68
C ALA D 145 9.95 4.71 -26.78
N VAL D 146 9.13 4.35 -27.75
CA VAL D 146 8.87 5.24 -28.89
C VAL D 146 8.13 6.49 -28.42
N ASN D 147 7.21 6.32 -27.48
CA ASN D 147 6.51 7.50 -26.91
C ASN D 147 7.47 8.44 -26.23
N ARG D 148 8.40 7.88 -25.47
N ARG D 148 8.39 7.87 -25.45
CA ARG D 148 9.40 8.69 -24.75
CA ARG D 148 9.39 8.67 -24.77
C ARG D 148 10.36 9.40 -25.70
C ARG D 148 10.25 9.43 -25.77
N LEU D 149 10.80 8.70 -26.72
CA LEU D 149 11.68 9.28 -27.74
C LEU D 149 10.99 10.34 -28.59
N SER D 150 9.71 10.14 -28.84
CA SER D 150 8.90 11.07 -29.67
C SER D 150 8.60 12.40 -28.98
N LYS D 151 8.74 12.45 -27.65
CA LYS D 151 8.58 13.71 -26.91
C LYS D 151 9.87 14.53 -26.99
N SER D 152 10.97 13.88 -26.64
CA SER D 152 12.29 14.50 -26.64
C SER D 152 12.93 14.50 -28.04
C1 BME E . 7.96 -2.72 -9.57
C2 BME E . 9.36 -2.37 -10.04
O1 BME E . 7.27 -1.55 -9.14
S2 BME E . 9.52 -0.58 -10.27
C1 GOL F . 7.57 -4.36 -5.64
O1 GOL F . 8.98 -4.37 -5.52
C2 GOL F . 7.10 -2.90 -5.55
O2 GOL F . 7.22 -2.40 -4.24
C3 GOL F . 5.63 -2.73 -5.93
O3 GOL F . 5.41 -3.14 -7.25
C1 GOL G . 5.67 6.46 -4.73
O1 GOL G . 5.69 7.21 -5.94
C2 GOL G . 4.64 5.38 -4.91
O2 GOL G . 3.40 6.03 -4.96
C3 GOL G . 4.73 4.24 -3.87
O3 GOL G . 6.04 4.03 -3.32
C1 GOL H . -6.40 -12.15 -6.70
O1 GOL H . -6.25 -11.14 -7.65
C2 GOL H . -6.28 -13.52 -7.38
O2 GOL H . -6.21 -14.51 -6.38
C3 GOL H . -7.48 -13.77 -8.30
O3 GOL H . -7.08 -14.29 -9.55
C1 GOL I . 6.89 -11.42 -0.28
O1 GOL I . 6.56 -11.58 -1.65
C2 GOL I . 5.64 -11.40 0.60
O2 GOL I . 4.60 -12.21 0.06
C3 GOL I . 5.12 -9.98 0.73
O3 GOL I . 4.49 -9.62 -0.47
C1 GOL J . 12.89 12.55 -0.77
O1 GOL J . 11.87 11.76 -1.35
C2 GOL J . 13.51 11.84 0.43
O2 GOL J . 14.18 12.77 1.25
C3 GOL J . 14.48 10.75 -0.04
O3 GOL J . 14.67 9.80 0.99
C1 BME K . 13.12 10.59 18.35
C2 BME K . 12.12 9.92 19.26
O1 BME K . 14.43 10.29 18.87
S2 BME K . 12.74 9.84 20.98
C1 GOL L . 3.89 6.12 21.55
O1 GOL L . 3.81 6.93 22.71
C2 GOL L . 3.91 7.05 20.35
O2 GOL L . 2.61 7.62 20.30
C3 GOL L . 4.30 6.31 19.07
O3 GOL L . 5.20 5.21 19.28
C1 GOL M . 12.42 7.86 15.16
O1 GOL M . 13.36 6.94 15.64
C2 GOL M . 11.10 7.66 15.93
O2 GOL M . 10.50 6.44 15.56
C3 GOL M . 10.12 8.80 15.62
O3 GOL M . 10.75 10.06 15.73
C1 GOL N . 8.15 18.19 3.25
O1 GOL N . 7.95 18.36 4.63
C2 GOL N . 9.39 18.97 2.81
O2 GOL N . 9.89 18.36 1.65
C3 GOL N . 9.08 20.45 2.55
O3 GOL N . 10.17 21.29 2.93
C1 BME O . -1.29 -17.28 16.20
C2 BME O . -0.77 -18.67 15.97
O1 BME O . -0.48 -16.78 17.27
S2 BME O . -1.65 -19.40 14.58
C1 GOL P . -5.56 -14.18 7.50
O1 GOL P . -6.56 -15.17 7.50
C2 GOL P . -5.72 -13.34 8.74
O2 GOL P . -6.98 -12.69 8.59
C3 GOL P . -4.54 -12.36 8.90
O3 GOL P . -3.28 -12.94 8.55
C1 GOL Q . 1.26 -14.06 15.94
O1 GOL Q . 2.33 -14.81 15.38
C2 GOL Q . 0.20 -13.89 14.84
O2 GOL Q . 0.74 -13.12 13.80
C3 GOL Q . -1.06 -13.21 15.38
O3 GOL Q . -1.47 -13.80 16.57
C1 GOL R . 7.18 -8.14 17.74
O1 GOL R . 7.50 -9.46 18.15
C2 GOL R . 6.03 -7.62 18.60
O2 GOL R . 5.58 -6.37 18.10
C3 GOL R . 6.49 -7.45 20.04
O3 GOL R . 6.34 -6.11 20.46
C1 BME S . 9.04 -6.84 -10.25
C2 BME S . 8.77 -7.62 -11.53
O1 BME S . 8.80 -5.42 -10.37
S2 BME S . 7.41 -8.80 -11.25
C1 EDO T . 22.81 -6.76 -33.02
O1 EDO T . 22.11 -7.93 -33.43
C2 EDO T . 23.18 -6.94 -31.55
O2 EDO T . 24.42 -6.34 -31.26
C1 GOL U . 12.47 -16.29 -14.60
O1 GOL U . 11.29 -16.50 -15.38
C2 GOL U . 13.19 -15.07 -15.10
O2 GOL U . 13.66 -15.38 -16.39
C3 GOL U . 14.31 -14.65 -14.16
O3 GOL U . 13.98 -14.78 -12.79
C1 GOL V . 20.18 -1.61 -6.00
O1 GOL V . 21.10 -0.64 -6.41
C2 GOL V . 20.86 -2.97 -6.10
O2 GOL V . 20.64 -3.47 -7.39
C3 GOL V . 20.33 -3.93 -5.04
O3 GOL V . 21.42 -4.32 -4.20
C1 GOL W . 13.02 -6.86 -9.36
O1 GOL W . 12.46 -7.18 -8.09
C2 GOL W . 13.06 -8.11 -10.28
O2 GOL W . 14.05 -8.98 -9.76
C3 GOL W . 13.50 -7.81 -11.72
O3 GOL W . 12.73 -6.79 -12.32
C1 GOL X . 10.42 -24.13 -9.16
O1 GOL X . 11.04 -23.09 -9.86
C2 GOL X . 11.45 -25.01 -8.45
O2 GOL X . 11.29 -26.36 -8.89
C3 GOL X . 11.28 -24.97 -6.93
O3 GOL X . 11.44 -23.66 -6.41
C1 GOL Y . 21.64 3.66 -18.78
O1 GOL Y . 20.38 3.05 -18.84
C2 GOL Y . 21.52 5.17 -18.54
O2 GOL Y . 21.31 5.42 -17.17
C3 GOL Y . 20.43 5.76 -19.44
O3 GOL Y . 20.28 7.16 -19.34
C1 GOL Z . 13.86 -3.96 -38.47
O1 GOL Z . 14.38 -2.65 -38.45
C2 GOL Z . 12.46 -4.03 -37.87
O2 GOL Z . 11.62 -4.75 -38.75
C3 GOL Z . 11.85 -2.66 -37.56
O3 GOL Z . 11.92 -1.73 -38.63
#